data_4XW0
# 
_entry.id   4XW0 
# 
_audit_conform.dict_name       mmcif_pdbx.dic 
_audit_conform.dict_version    5.383 
_audit_conform.dict_location   http://mmcif.pdb.org/dictionaries/ascii/mmcif_pdbx.dic 
# 
loop_
_database_2.database_id 
_database_2.database_code 
_database_2.pdbx_database_accession 
_database_2.pdbx_DOI 
PDB   4XW0         pdb_00004xw0 10.2210/pdb4xw0/pdb 
WWPDB D_1000204236 ?            ?                   
# 
loop_
_pdbx_audit_revision_history.ordinal 
_pdbx_audit_revision_history.data_content_type 
_pdbx_audit_revision_history.major_revision 
_pdbx_audit_revision_history.minor_revision 
_pdbx_audit_revision_history.revision_date 
1 'Structure model' 1 0 2016-01-13 
2 'Structure model' 1 1 2024-01-10 
# 
_pdbx_audit_revision_details.ordinal             1 
_pdbx_audit_revision_details.revision_ordinal    1 
_pdbx_audit_revision_details.data_content_type   'Structure model' 
_pdbx_audit_revision_details.provider            repository 
_pdbx_audit_revision_details.type                'Initial release' 
_pdbx_audit_revision_details.description         ? 
_pdbx_audit_revision_details.details             ? 
# 
loop_
_pdbx_audit_revision_group.ordinal 
_pdbx_audit_revision_group.revision_ordinal 
_pdbx_audit_revision_group.data_content_type 
_pdbx_audit_revision_group.group 
1 2 'Structure model' 'Data collection'        
2 2 'Structure model' 'Database references'    
3 2 'Structure model' 'Refinement description' 
# 
loop_
_pdbx_audit_revision_category.ordinal 
_pdbx_audit_revision_category.revision_ordinal 
_pdbx_audit_revision_category.data_content_type 
_pdbx_audit_revision_category.category 
1 2 'Structure model' chem_comp_atom                
2 2 'Structure model' chem_comp_bond                
3 2 'Structure model' database_2                    
4 2 'Structure model' pdbx_initial_refinement_model 
# 
loop_
_pdbx_audit_revision_item.ordinal 
_pdbx_audit_revision_item.revision_ordinal 
_pdbx_audit_revision_item.data_content_type 
_pdbx_audit_revision_item.item 
1 2 'Structure model' '_database_2.pdbx_DOI'                
2 2 'Structure model' '_database_2.pdbx_database_accession' 
# 
_pdbx_database_status.status_code                     REL 
_pdbx_database_status.status_code_sf                  REL 
_pdbx_database_status.status_code_mr                  ? 
_pdbx_database_status.entry_id                        4XW0 
_pdbx_database_status.recvd_initial_deposition_date   2015-01-28 
_pdbx_database_status.SG_entry                        N 
_pdbx_database_status.deposit_site                    RCSB 
_pdbx_database_status.process_site                    PDBE 
_pdbx_database_status.status_code_cs                  ? 
_pdbx_database_status.methods_development_category    ? 
_pdbx_database_status.pdb_format_compatible           Y 
_pdbx_database_status.status_code_nmr_data            ? 
# 
loop_
_audit_author.name 
_audit_author.pdbx_ordinal 
'Kiliszek, A.'   1 
'Banaszak, K.'   2 
'Rypniewski, W.' 3 
# 
_citation.abstract                  ? 
_citation.abstract_id_CAS           ? 
_citation.book_id_ISBN              ? 
_citation.book_publisher            ? 
_citation.book_publisher_city       ? 
_citation.book_title                ? 
_citation.coordinate_linkage        ? 
_citation.country                   UK 
_citation.database_id_Medline       ? 
_citation.details                   ? 
_citation.id                        primary 
_citation.journal_abbrev            Rna 
_citation.journal_id_ASTM           RNARFU 
_citation.journal_id_CSD            2122 
_citation.journal_id_ISSN           1469-9001 
_citation.journal_full              ? 
_citation.journal_issue             ? 
_citation.journal_volume            22 
_citation.language                  ? 
_citation.page_first                22 
_citation.page_last                 31 
_citation.title                     'Watson-Crick-like pairs in CCUG repeats: evidence for tautomeric shifts or protonation.' 
_citation.year                      2016 
_citation.database_id_CSD           ? 
_citation.pdbx_database_id_DOI      10.1261/rna.052399.115 
_citation.pdbx_database_id_PubMed   26543073 
_citation.unpublished_flag          ? 
# 
loop_
_citation_author.citation_id 
_citation_author.name 
_citation_author.ordinal 
_citation_author.identifier_ORCID 
primary 'Rypniewski, W.' 1 ? 
primary 'Banaszak, K.'   2 ? 
primary 'Kulinski, T.'   3 ? 
primary 'Kiliszek, A.'   4 ? 
# 
loop_
_entity.id 
_entity.type 
_entity.src_method 
_entity.pdbx_description 
_entity.formula_weight 
_entity.pdbx_number_of_molecules 
_entity.pdbx_ec 
_entity.pdbx_mutation 
_entity.pdbx_fragment 
_entity.details 
1 polymer     syn 
;RNA (5'-R(*GP*CP*CP*UP*(LCG)P*CP*CP*UP*GP*C)-3')
;
3140.910 2  ? ? ? 'RNA oligomer' 
2 non-polymer syn 'SULFATE ION'                                      96.063   2  ? ? ? ?              
3 water       nat water                                              18.015   22 ? ? ? ?              
# 
_entity_poly.entity_id                      1 
_entity_poly.type                           polyribonucleotide 
_entity_poly.nstd_linkage                   no 
_entity_poly.nstd_monomer                   yes 
_entity_poly.pdbx_seq_one_letter_code       'GCCU(LCG)CCUGC' 
_entity_poly.pdbx_seq_one_letter_code_can   GCCUGCCUGC 
_entity_poly.pdbx_strand_id                 A,B 
_entity_poly.pdbx_target_identifier         ? 
# 
loop_
_pdbx_entity_nonpoly.entity_id 
_pdbx_entity_nonpoly.name 
_pdbx_entity_nonpoly.comp_id 
2 'SULFATE ION' SO4 
3 water         HOH 
# 
loop_
_entity_poly_seq.entity_id 
_entity_poly_seq.num 
_entity_poly_seq.mon_id 
_entity_poly_seq.hetero 
1 1  G   n 
1 2  C   n 
1 3  C   n 
1 4  U   n 
1 5  LCG n 
1 6  C   n 
1 7  C   n 
1 8  U   n 
1 9  G   n 
1 10 C   n 
# 
_pdbx_entity_src_syn.entity_id              1 
_pdbx_entity_src_syn.pdbx_src_id            1 
_pdbx_entity_src_syn.pdbx_alt_source_flag   sample 
_pdbx_entity_src_syn.pdbx_beg_seq_num       1 
_pdbx_entity_src_syn.pdbx_end_seq_num       10 
_pdbx_entity_src_syn.organism_scientific    'Homo sapiens' 
_pdbx_entity_src_syn.organism_common_name   ? 
_pdbx_entity_src_syn.ncbi_taxonomy_id       9606 
_pdbx_entity_src_syn.details                ? 
# 
loop_
_chem_comp.id 
_chem_comp.type 
_chem_comp.mon_nstd_flag 
_chem_comp.name 
_chem_comp.pdbx_synonyms 
_chem_comp.formula 
_chem_comp.formula_weight 
C   'RNA linking' y "CYTIDINE-5'-MONOPHOSPHATE"                                                                             ? 
'C9 H14 N3 O8 P'  323.197 
G   'RNA linking' y "GUANOSINE-5'-MONOPHOSPHATE"                                                                            ? 
'C10 H14 N5 O8 P' 363.221 
HOH non-polymer   . WATER                                                                                                   ? 
'H2 O'            18.015  
LCG 'RNA linking' n '[(1R,3R,4R,7S)-7-HYDROXY-3-(GUANIN-9-YL)-2,5-DIOXABICYCLO[2.2.1]HEPT-1-YL]METHYL DIHYDROGEN PHOSPHATE' ? 
'C11 H14 N5 O8 P' 375.231 
SO4 non-polymer   . 'SULFATE ION'                                                                                           ? 
'O4 S -2'         96.063  
U   'RNA linking' y "URIDINE-5'-MONOPHOSPHATE"                                                                              ? 
'C9 H13 N2 O9 P'  324.181 
# 
loop_
_pdbx_poly_seq_scheme.asym_id 
_pdbx_poly_seq_scheme.entity_id 
_pdbx_poly_seq_scheme.seq_id 
_pdbx_poly_seq_scheme.mon_id 
_pdbx_poly_seq_scheme.ndb_seq_num 
_pdbx_poly_seq_scheme.pdb_seq_num 
_pdbx_poly_seq_scheme.auth_seq_num 
_pdbx_poly_seq_scheme.pdb_mon_id 
_pdbx_poly_seq_scheme.auth_mon_id 
_pdbx_poly_seq_scheme.pdb_strand_id 
_pdbx_poly_seq_scheme.pdb_ins_code 
_pdbx_poly_seq_scheme.hetero 
A 1 1  G   1  1  1  G   G   A . n 
A 1 2  C   2  2  2  C   C   A . n 
A 1 3  C   3  3  3  C   C   A . n 
A 1 4  U   4  4  4  U   U   A . n 
A 1 5  LCG 5  5  5  LCG LCG A . n 
A 1 6  C   6  6  6  C   C   A . n 
A 1 7  C   7  7  7  C   C   A . n 
A 1 8  U   8  8  8  U   U   A . n 
A 1 9  G   9  9  9  G   G   A . n 
A 1 10 C   10 10 10 C   C   A . n 
B 1 1  G   1  1  1  G   G   B . n 
B 1 2  C   2  2  2  C   C   B . n 
B 1 3  C   3  3  3  C   C   B . n 
B 1 4  U   4  4  4  U   U   B . n 
B 1 5  LCG 5  5  5  LCG LCG B . n 
B 1 6  C   6  6  6  C   C   B . n 
B 1 7  C   7  7  7  C   C   B . n 
B 1 8  U   8  8  8  U   U   B . n 
B 1 9  G   9  9  9  G   G   B . n 
B 1 10 C   10 10 10 C   C   B . n 
# 
loop_
_pdbx_nonpoly_scheme.asym_id 
_pdbx_nonpoly_scheme.entity_id 
_pdbx_nonpoly_scheme.mon_id 
_pdbx_nonpoly_scheme.ndb_seq_num 
_pdbx_nonpoly_scheme.pdb_seq_num 
_pdbx_nonpoly_scheme.auth_seq_num 
_pdbx_nonpoly_scheme.pdb_mon_id 
_pdbx_nonpoly_scheme.auth_mon_id 
_pdbx_nonpoly_scheme.pdb_strand_id 
_pdbx_nonpoly_scheme.pdb_ins_code 
C 2 SO4 1  101 1  SO4 SO4 A . 
D 2 SO4 1  102 2  SO4 SO4 A . 
E 3 HOH 1  201 15 HOH HOH A . 
E 3 HOH 2  202 4  HOH HOH A . 
E 3 HOH 3  203 20 HOH HOH A . 
E 3 HOH 4  204 22 HOH HOH A . 
E 3 HOH 5  205 9  HOH HOH A . 
E 3 HOH 6  206 13 HOH HOH A . 
E 3 HOH 7  207 21 HOH HOH A . 
E 3 HOH 8  208 19 HOH HOH A . 
E 3 HOH 9  209 7  HOH HOH A . 
E 3 HOH 10 210 25 HOH HOH A . 
E 3 HOH 11 211 11 HOH HOH A . 
E 3 HOH 12 212 12 HOH HOH A . 
E 3 HOH 13 213 18 HOH HOH A . 
E 3 HOH 14 214 24 HOH HOH A . 
F 3 HOH 1  101 17 HOH HOH B . 
F 3 HOH 2  102 16 HOH HOH B . 
F 3 HOH 3  103 8  HOH HOH B . 
F 3 HOH 4  104 10 HOH HOH B . 
F 3 HOH 5  105 3  HOH HOH B . 
F 3 HOH 6  106 5  HOH HOH B . 
F 3 HOH 7  107 6  HOH HOH B . 
F 3 HOH 8  108 23 HOH HOH B . 
# 
loop_
_pdbx_unobs_or_zero_occ_atoms.id 
_pdbx_unobs_or_zero_occ_atoms.PDB_model_num 
_pdbx_unobs_or_zero_occ_atoms.polymer_flag 
_pdbx_unobs_or_zero_occ_atoms.occupancy_flag 
_pdbx_unobs_or_zero_occ_atoms.auth_asym_id 
_pdbx_unobs_or_zero_occ_atoms.auth_comp_id 
_pdbx_unobs_or_zero_occ_atoms.auth_seq_id 
_pdbx_unobs_or_zero_occ_atoms.PDB_ins_code 
_pdbx_unobs_or_zero_occ_atoms.auth_atom_id 
_pdbx_unobs_or_zero_occ_atoms.label_alt_id 
_pdbx_unobs_or_zero_occ_atoms.label_asym_id 
_pdbx_unobs_or_zero_occ_atoms.label_comp_id 
_pdbx_unobs_or_zero_occ_atoms.label_seq_id 
_pdbx_unobs_or_zero_occ_atoms.label_atom_id 
1  1 Y 1 B C 10 ? "O5'" ? B C 10 "O5'" 
2  1 Y 1 B C 10 ? "C5'" ? B C 10 "C5'" 
3  1 Y 1 B C 10 ? "C4'" ? B C 10 "C4'" 
4  1 Y 1 B C 10 ? "O4'" ? B C 10 "O4'" 
5  1 Y 1 B C 10 ? "C3'" ? B C 10 "C3'" 
6  1 Y 1 B C 10 ? "O3'" ? B C 10 "O3'" 
7  1 Y 1 B C 10 ? "C2'" ? B C 10 "C2'" 
8  1 Y 1 B C 10 ? "O2'" ? B C 10 "O2'" 
9  1 Y 1 B C 10 ? "C1'" ? B C 10 "C1'" 
10 1 Y 1 B C 10 ? N1    ? B C 10 N1    
11 1 Y 1 B C 10 ? C2    ? B C 10 C2    
12 1 Y 1 B C 10 ? O2    ? B C 10 O2    
13 1 Y 1 B C 10 ? N3    ? B C 10 N3    
14 1 Y 1 B C 10 ? C4    ? B C 10 C4    
15 1 Y 1 B C 10 ? N4    ? B C 10 N4    
16 1 Y 1 B C 10 ? C5    ? B C 10 C5    
17 1 Y 1 B C 10 ? C6    ? B C 10 C6    
# 
loop_
_software.citation_id 
_software.classification 
_software.compiler_name 
_software.compiler_version 
_software.contact_author 
_software.contact_author_email 
_software.date 
_software.description 
_software.dependencies 
_software.hardware 
_software.language 
_software.location 
_software.mods 
_software.name 
_software.os 
_software.os_version 
_software.type 
_software.version 
_software.pdbx_ordinal 
? refinement       ? ? ? ? ? ? ? ? ? ? ? PHENIX ? ? ? '(phenix.refine: 1.8.2_1309)' 1 
? 'data reduction' ? ? ? ? ? ? ? ? ? ? ? XDS    ? ? ? .                             2 
? 'data scaling'   ? ? ? ? ? ? ? ? ? ? ? XSCALE ? ? ? .                             3 
? phasing          ? ? ? ? ? ? ? ? ? ? ? PHASER ? ? ? .                             4 
# 
_cell.angle_alpha                  90.00 
_cell.angle_alpha_esd              ? 
_cell.angle_beta                   90.00 
_cell.angle_beta_esd               ? 
_cell.angle_gamma                  90.00 
_cell.angle_gamma_esd              ? 
_cell.entry_id                     4XW0 
_cell.details                      ? 
_cell.formula_units_Z              ? 
_cell.length_a                     26.910 
_cell.length_a_esd                 ? 
_cell.length_b                     26.910 
_cell.length_b_esd                 ? 
_cell.length_c                     80.505 
_cell.length_c_esd                 ? 
_cell.volume                       ? 
_cell.volume_esd                   ? 
_cell.Z_PDB                        8 
_cell.reciprocal_angle_alpha       ? 
_cell.reciprocal_angle_beta        ? 
_cell.reciprocal_angle_gamma       ? 
_cell.reciprocal_angle_alpha_esd   ? 
_cell.reciprocal_angle_beta_esd    ? 
_cell.reciprocal_angle_gamma_esd   ? 
_cell.reciprocal_length_a          ? 
_cell.reciprocal_length_b          ? 
_cell.reciprocal_length_c          ? 
_cell.reciprocal_length_a_esd      ? 
_cell.reciprocal_length_b_esd      ? 
_cell.reciprocal_length_c_esd      ? 
_cell.pdbx_unique_axis             ? 
# 
_symmetry.entry_id                         4XW0 
_symmetry.cell_setting                     ? 
_symmetry.Int_Tables_number                78 
_symmetry.space_group_name_Hall            ? 
_symmetry.space_group_name_H-M             'P 43' 
_symmetry.pdbx_full_space_group_name_H-M   ? 
# 
_exptl.absorpt_coefficient_mu     ? 
_exptl.absorpt_correction_T_max   ? 
_exptl.absorpt_correction_T_min   ? 
_exptl.absorpt_correction_type    ? 
_exptl.absorpt_process_details    ? 
_exptl.entry_id                   4XW0 
_exptl.crystals_number            ? 
_exptl.details                    ? 
_exptl.method                     'X-RAY DIFFRACTION' 
_exptl.method_details             ? 
# 
_exptl_crystal.colour                      ? 
_exptl_crystal.density_diffrn              ? 
_exptl_crystal.density_Matthews            2.32 
_exptl_crystal.density_method              ? 
_exptl_crystal.density_percent_sol         46.98 
_exptl_crystal.description                 ? 
_exptl_crystal.F_000                       ? 
_exptl_crystal.id                          1 
_exptl_crystal.preparation                 ? 
_exptl_crystal.size_max                    ? 
_exptl_crystal.size_mid                    ? 
_exptl_crystal.size_min                    ? 
_exptl_crystal.size_rad                    ? 
_exptl_crystal.colour_lustre               ? 
_exptl_crystal.colour_modifier             ? 
_exptl_crystal.colour_primary              ? 
_exptl_crystal.density_meas                ? 
_exptl_crystal.density_meas_esd            ? 
_exptl_crystal.density_meas_gt             ? 
_exptl_crystal.density_meas_lt             ? 
_exptl_crystal.density_meas_temp           ? 
_exptl_crystal.density_meas_temp_esd       ? 
_exptl_crystal.density_meas_temp_gt        ? 
_exptl_crystal.density_meas_temp_lt        ? 
_exptl_crystal.pdbx_crystal_image_url      ? 
_exptl_crystal.pdbx_crystal_image_format   ? 
_exptl_crystal.pdbx_mosaicity              ? 
_exptl_crystal.pdbx_mosaicity_esd          ? 
# 
_exptl_crystal_grow.apparatus       ? 
_exptl_crystal_grow.atmosphere      ? 
_exptl_crystal_grow.crystal_id      1 
_exptl_crystal_grow.details         ? 
_exptl_crystal_grow.method          'VAPOR DIFFUSION, SITTING DROP' 
_exptl_crystal_grow.method_ref      ? 
_exptl_crystal_grow.pH              ? 
_exptl_crystal_grow.pressure        ? 
_exptl_crystal_grow.pressure_esd    ? 
_exptl_crystal_grow.seeding         ? 
_exptl_crystal_grow.seeding_ref     ? 
_exptl_crystal_grow.temp            292 
_exptl_crystal_grow.temp_details    ? 
_exptl_crystal_grow.temp_esd        ? 
_exptl_crystal_grow.time            ? 
_exptl_crystal_grow.pdbx_details    '40 mM magnesium sulphate, HEPES and 1.3 M lithium sulphate' 
_exptl_crystal_grow.pdbx_pH_range   7.0 
# 
_diffrn.ambient_environment    ? 
_diffrn.ambient_temp           100 
_diffrn.ambient_temp_details   ? 
_diffrn.ambient_temp_esd       ? 
_diffrn.crystal_id             1 
_diffrn.crystal_support        ? 
_diffrn.crystal_treatment      ? 
_diffrn.details                ? 
_diffrn.id                     1 
_diffrn.ambient_pressure       ? 
_diffrn.ambient_pressure_esd   ? 
_diffrn.ambient_pressure_gt    ? 
_diffrn.ambient_pressure_lt    ? 
_diffrn.ambient_temp_gt        ? 
_diffrn.ambient_temp_lt        ? 
# 
_diffrn_detector.details                      ? 
_diffrn_detector.detector                     CCD 
_diffrn_detector.diffrn_id                    1 
_diffrn_detector.type                         'MAR CCD 165 mm' 
_diffrn_detector.area_resol_mean              ? 
_diffrn_detector.dtime                        ? 
_diffrn_detector.pdbx_frames_total            ? 
_diffrn_detector.pdbx_collection_time_total   ? 
_diffrn_detector.pdbx_collection_date         2013-07-07 
# 
_diffrn_radiation.collimation                      ? 
_diffrn_radiation.diffrn_id                        1 
_diffrn_radiation.filter_edge                      ? 
_diffrn_radiation.inhomogeneity                    ? 
_diffrn_radiation.monochromator                    ? 
_diffrn_radiation.polarisn_norm                    ? 
_diffrn_radiation.polarisn_ratio                   ? 
_diffrn_radiation.probe                            ? 
_diffrn_radiation.type                             ? 
_diffrn_radiation.xray_symbol                      ? 
_diffrn_radiation.wavelength_id                    1 
_diffrn_radiation.pdbx_monochromatic_or_laue_m_l   M 
_diffrn_radiation.pdbx_wavelength_list             ? 
_diffrn_radiation.pdbx_wavelength                  ? 
_diffrn_radiation.pdbx_diffrn_protocol             'SINGLE WAVELENGTH' 
_diffrn_radiation.pdbx_analyzer                    ? 
_diffrn_radiation.pdbx_scattering_type             x-ray 
# 
_diffrn_radiation_wavelength.id           1 
_diffrn_radiation_wavelength.wavelength   0.91841 
_diffrn_radiation_wavelength.wt           1.0 
# 
_diffrn_source.current                     ? 
_diffrn_source.details                     ? 
_diffrn_source.diffrn_id                   1 
_diffrn_source.power                       ? 
_diffrn_source.size                        ? 
_diffrn_source.source                      SYNCHROTRON 
_diffrn_source.target                      ? 
_diffrn_source.type                        'BESSY BEAMLINE 14.2' 
_diffrn_source.voltage                     ? 
_diffrn_source.take-off_angle              ? 
_diffrn_source.pdbx_wavelength_list        0.91841 
_diffrn_source.pdbx_wavelength             ? 
_diffrn_source.pdbx_synchrotron_beamline   14.2 
_diffrn_source.pdbx_synchrotron_site       BESSY 
# 
_reflns.B_iso_Wilson_estimate            40.3 
_reflns.entry_id                         4XW0 
_reflns.data_reduction_details           ? 
_reflns.data_reduction_method            ? 
_reflns.d_resolution_high                1.81 
_reflns.d_resolution_low                 27.0 
_reflns.details                          ? 
_reflns.limit_h_max                      ? 
_reflns.limit_h_min                      ? 
_reflns.limit_k_max                      ? 
_reflns.limit_k_min                      ? 
_reflns.limit_l_max                      ? 
_reflns.limit_l_min                      ? 
_reflns.number_all                       ? 
_reflns.number_obs                       5249 
_reflns.observed_criterion               ? 
_reflns.observed_criterion_F_max         ? 
_reflns.observed_criterion_F_min         ? 
_reflns.observed_criterion_I_max         ? 
_reflns.observed_criterion_I_min         ? 
_reflns.observed_criterion_sigma_F       ? 
_reflns.observed_criterion_sigma_I       ? 
_reflns.percent_possible_obs             99.6 
_reflns.R_free_details                   ? 
_reflns.Rmerge_F_all                     ? 
_reflns.Rmerge_F_obs                     ? 
_reflns.Friedel_coverage                 ? 
_reflns.number_gt                        ? 
_reflns.threshold_expression             ? 
_reflns.pdbx_redundancy                  6.7 
_reflns.pdbx_Rmerge_I_obs                0.057 
_reflns.pdbx_Rmerge_I_all                ? 
_reflns.pdbx_Rsym_value                  ? 
_reflns.pdbx_netI_over_av_sigmaI         ? 
_reflns.pdbx_netI_over_sigmaI            17.66 
_reflns.pdbx_res_netI_over_av_sigmaI_2   ? 
_reflns.pdbx_res_netI_over_sigmaI_2      ? 
_reflns.pdbx_chi_squared                 ? 
_reflns.pdbx_scaling_rejects             ? 
_reflns.pdbx_d_res_high_opt              ? 
_reflns.pdbx_d_res_low_opt               ? 
_reflns.pdbx_d_res_opt_method            ? 
_reflns.phase_calculation_details        ? 
_reflns.pdbx_Rrim_I_all                  ? 
_reflns.pdbx_Rpim_I_all                  ? 
_reflns.pdbx_d_opt                       ? 
_reflns.pdbx_number_measured_all         ? 
_reflns.pdbx_diffrn_id                   1 
_reflns.pdbx_ordinal                     1 
_reflns.pdbx_CC_half                     ? 
_reflns.pdbx_R_split                     ? 
# 
_reflns_shell.d_res_high                  1.81 
_reflns_shell.d_res_low                   1.92 
_reflns_shell.meanI_over_sigI_all         ? 
_reflns_shell.meanI_over_sigI_obs         1.96 
_reflns_shell.number_measured_all         ? 
_reflns_shell.number_measured_obs         ? 
_reflns_shell.number_possible             ? 
_reflns_shell.number_unique_all           ? 
_reflns_shell.number_unique_obs           ? 
_reflns_shell.percent_possible_all        99.1 
_reflns_shell.percent_possible_obs        ? 
_reflns_shell.Rmerge_F_all                ? 
_reflns_shell.Rmerge_F_obs                ? 
_reflns_shell.Rmerge_I_all                ? 
_reflns_shell.Rmerge_I_obs                1.355 
_reflns_shell.meanI_over_sigI_gt          ? 
_reflns_shell.meanI_over_uI_all           ? 
_reflns_shell.meanI_over_uI_gt            ? 
_reflns_shell.number_measured_gt          ? 
_reflns_shell.number_unique_gt            ? 
_reflns_shell.percent_possible_gt         ? 
_reflns_shell.Rmerge_F_gt                 ? 
_reflns_shell.Rmerge_I_gt                 ? 
_reflns_shell.pdbx_redundancy             6.6 
_reflns_shell.pdbx_Rsym_value             ? 
_reflns_shell.pdbx_chi_squared            ? 
_reflns_shell.pdbx_netI_over_sigmaI_all   ? 
_reflns_shell.pdbx_netI_over_sigmaI_obs   ? 
_reflns_shell.pdbx_Rrim_I_all             ? 
_reflns_shell.pdbx_Rpim_I_all             ? 
_reflns_shell.pdbx_rejects                ? 
_reflns_shell.pdbx_ordinal                1 
_reflns_shell.pdbx_diffrn_id              1 
_reflns_shell.pdbx_CC_half                ? 
_reflns_shell.pdbx_R_split                ? 
# 
_refine.aniso_B[1][1]                            ? 
_refine.aniso_B[1][2]                            ? 
_refine.aniso_B[1][3]                            ? 
_refine.aniso_B[2][2]                            ? 
_refine.aniso_B[2][3]                            ? 
_refine.aniso_B[3][3]                            ? 
_refine.B_iso_max                                ? 
_refine.B_iso_mean                               47.30 
_refine.B_iso_min                                ? 
_refine.correlation_coeff_Fo_to_Fc               ? 
_refine.correlation_coeff_Fo_to_Fc_free          ? 
_refine.details                                  ? 
_refine.diff_density_max                         ? 
_refine.diff_density_max_esd                     ? 
_refine.diff_density_min                         ? 
_refine.diff_density_min_esd                     ? 
_refine.diff_density_rms                         ? 
_refine.diff_density_rms_esd                     ? 
_refine.entry_id                                 4XW0 
_refine.pdbx_refine_id                           'X-RAY DIFFRACTION' 
_refine.ls_abs_structure_details                 ? 
_refine.ls_abs_structure_Flack                   ? 
_refine.ls_abs_structure_Flack_esd               ? 
_refine.ls_abs_structure_Rogers                  ? 
_refine.ls_abs_structure_Rogers_esd              ? 
_refine.ls_d_res_high                            1.81 
_refine.ls_d_res_low                             26.910 
_refine.ls_extinction_coef                       ? 
_refine.ls_extinction_coef_esd                   ? 
_refine.ls_extinction_expression                 ? 
_refine.ls_extinction_method                     ? 
_refine.ls_goodness_of_fit_all                   ? 
_refine.ls_goodness_of_fit_all_esd               ? 
_refine.ls_goodness_of_fit_obs                   ? 
_refine.ls_goodness_of_fit_obs_esd               ? 
_refine.ls_hydrogen_treatment                    ? 
_refine.ls_matrix_type                           ? 
_refine.ls_number_constraints                    ? 
_refine.ls_number_parameters                     ? 
_refine.ls_number_reflns_all                     ? 
_refine.ls_number_reflns_obs                     5239 
_refine.ls_number_reflns_R_free                  524 
_refine.ls_number_reflns_R_work                  ? 
_refine.ls_number_restraints                     ? 
_refine.ls_percent_reflns_obs                    99.43 
_refine.ls_percent_reflns_R_free                 10.00 
_refine.ls_R_factor_all                          ? 
_refine.ls_R_factor_obs                          0.2298 
_refine.ls_R_factor_R_free                       0.2984 
_refine.ls_R_factor_R_free_error                 ? 
_refine.ls_R_factor_R_free_error_details         ? 
_refine.ls_R_factor_R_work                       0.2237 
_refine.ls_R_Fsqd_factor_obs                     ? 
_refine.ls_R_I_factor_obs                        ? 
_refine.ls_redundancy_reflns_all                 ? 
_refine.ls_redundancy_reflns_obs                 ? 
_refine.ls_restrained_S_all                      ? 
_refine.ls_restrained_S_obs                      ? 
_refine.ls_shift_over_esd_max                    ? 
_refine.ls_shift_over_esd_mean                   ? 
_refine.ls_structure_factor_coef                 ? 
_refine.ls_weighting_details                     ? 
_refine.ls_weighting_scheme                      ? 
_refine.ls_wR_factor_all                         ? 
_refine.ls_wR_factor_obs                         ? 
_refine.ls_wR_factor_R_free                      ? 
_refine.ls_wR_factor_R_work                      ? 
_refine.occupancy_max                            ? 
_refine.occupancy_min                            ? 
_refine.solvent_model_details                    'FLAT BULK SOLVENT MODEL' 
_refine.solvent_model_param_bsol                 ? 
_refine.solvent_model_param_ksol                 ? 
_refine.ls_R_factor_gt                           ? 
_refine.ls_goodness_of_fit_gt                    ? 
_refine.ls_goodness_of_fit_ref                   ? 
_refine.ls_shift_over_su_max                     ? 
_refine.ls_shift_over_su_max_lt                  ? 
_refine.ls_shift_over_su_mean                    ? 
_refine.ls_shift_over_su_mean_lt                 ? 
_refine.pdbx_ls_sigma_I                          ? 
_refine.pdbx_ls_sigma_F                          1.37 
_refine.pdbx_ls_sigma_Fsqd                       ? 
_refine.pdbx_data_cutoff_high_absF               ? 
_refine.pdbx_data_cutoff_high_rms_absF           ? 
_refine.pdbx_data_cutoff_low_absF                ? 
_refine.pdbx_isotropic_thermal_model             ? 
_refine.pdbx_ls_cross_valid_method               'FREE R-VALUE' 
_refine.pdbx_method_to_determine_struct          'MOLECULAR REPLACEMENT' 
_refine.pdbx_starting_model                      3GLP 
_refine.pdbx_stereochemistry_target_values       TWIN_LSQ_F 
_refine.pdbx_R_Free_selection_details            'Random selection' 
_refine.pdbx_stereochem_target_val_spec_case     ? 
_refine.pdbx_overall_ESU_R                       ? 
_refine.pdbx_overall_ESU_R_Free                  ? 
_refine.pdbx_solvent_vdw_probe_radii             1.11 
_refine.pdbx_solvent_ion_probe_radii             ? 
_refine.pdbx_solvent_shrinkage_radii             0.90 
_refine.pdbx_real_space_R                        ? 
_refine.pdbx_density_correlation                 ? 
_refine.pdbx_pd_number_of_powder_patterns        ? 
_refine.pdbx_pd_number_of_points                 ? 
_refine.pdbx_pd_meas_number_of_points            ? 
_refine.pdbx_pd_proc_ls_prof_R_factor            ? 
_refine.pdbx_pd_proc_ls_prof_wR_factor           ? 
_refine.pdbx_pd_Marquardt_correlation_coeff      ? 
_refine.pdbx_pd_Fsqrd_R_factor                   ? 
_refine.pdbx_pd_ls_matrix_band_width             ? 
_refine.pdbx_overall_phase_error                 36.36 
_refine.pdbx_overall_SU_R_free_Cruickshank_DPI   ? 
_refine.pdbx_overall_SU_R_free_Blow_DPI          ? 
_refine.pdbx_overall_SU_R_Blow_DPI               ? 
_refine.pdbx_TLS_residual_ADP_flag               ? 
_refine.pdbx_diffrn_id                           1 
_refine.overall_SU_B                             ? 
_refine.overall_SU_ML                            ? 
_refine.overall_SU_R_Cruickshank_DPI             ? 
_refine.overall_SU_R_free                        ? 
_refine.overall_FOM_free_R_set                   ? 
_refine.overall_FOM_work_R_set                   ? 
_refine.pdbx_average_fsc_overall                 ? 
_refine.pdbx_average_fsc_work                    ? 
_refine.pdbx_average_fsc_free                    ? 
# 
_refine_hist.pdbx_refine_id                   'X-RAY DIFFRACTION' 
_refine_hist.cycle_id                         LAST 
_refine_hist.pdbx_number_atoms_protein        0 
_refine_hist.pdbx_number_atoms_nucleic_acid   397 
_refine_hist.pdbx_number_atoms_ligand         10 
_refine_hist.number_atoms_solvent             22 
_refine_hist.number_atoms_total               429 
_refine_hist.d_res_high                       1.81 
_refine_hist.d_res_low                        26.910 
# 
loop_
_refine_ls_restr.pdbx_refine_id 
_refine_ls_restr.criterion 
_refine_ls_restr.dev_ideal 
_refine_ls_restr.dev_ideal_target 
_refine_ls_restr.number 
_refine_ls_restr.rejects 
_refine_ls_restr.type 
_refine_ls_restr.weight 
_refine_ls_restr.pdbx_restraint_function 
'X-RAY DIFFRACTION' ? 0.007  ? 478 ? f_bond_d           ? ? 
'X-RAY DIFFRACTION' ? 1.497  ? 743 ? f_angle_d          ? ? 
'X-RAY DIFFRACTION' ? 13.957 ? 224 ? f_dihedral_angle_d ? ? 
'X-RAY DIFFRACTION' ? 0.051  ? 96  ? f_chiral_restr     ? ? 
'X-RAY DIFFRACTION' ? 0.008  ? 20  ? f_plane_restr      ? ? 
# 
loop_
_refine_ls_shell.pdbx_refine_id 
_refine_ls_shell.d_res_high 
_refine_ls_shell.d_res_low 
_refine_ls_shell.number_reflns_all 
_refine_ls_shell.number_reflns_obs 
_refine_ls_shell.number_reflns_R_free 
_refine_ls_shell.number_reflns_R_work 
_refine_ls_shell.percent_reflns_obs 
_refine_ls_shell.percent_reflns_R_free 
_refine_ls_shell.R_factor_all 
_refine_ls_shell.R_factor_obs 
_refine_ls_shell.R_factor_R_free 
_refine_ls_shell.R_factor_R_free_error 
_refine_ls_shell.R_factor_R_work 
_refine_ls_shell.redundancy_reflns_all 
_refine_ls_shell.redundancy_reflns_obs 
_refine_ls_shell.wR_factor_all 
_refine_ls_shell.wR_factor_obs 
_refine_ls_shell.wR_factor_R_free 
_refine_ls_shell.wR_factor_R_work 
_refine_ls_shell.pdbx_total_number_of_bins_used 
_refine_ls_shell.pdbx_phase_error 
_refine_ls_shell.pdbx_fsc_work 
_refine_ls_shell.pdbx_fsc_free 
'X-RAY DIFFRACTION' 1.8066 1.9882 . . 129 1156 89.00 . . . 0.3712 . 0.3495 . . . . . . . . . . 
'X-RAY DIFFRACTION' 1.9882 2.2755 . . 131 1181 90.00 . . . 0.3189 . 0.2962 . . . . . . . . . . 
'X-RAY DIFFRACTION' 2.2755 2.8653 . . 131 1183 90.00 . . . 0.3786 . 0.2981 . . . . . . . . . . 
'X-RAY DIFFRACTION' 2.8653 19.00  . . 133 1189 89.00 . . . 0.2566 . 0.1729 . . . . . . . . . . 
# 
_struct.entry_id                     4XW0 
_struct.title                        'Crystal structure of (GCCU(G-LNA)CCUGC)2 duplex' 
_struct.pdbx_model_details           ? 
_struct.pdbx_formula_weight          ? 
_struct.pdbx_formula_weight_method   ? 
_struct.pdbx_model_type_details      ? 
_struct.pdbx_CASP_flag               ? 
# 
_struct_keywords.entry_id        4XW0 
_struct_keywords.text            
;CCUG repeats, RNA duplex, Myotonic Dystrophy type 2, tautomery, LNA residue, 3' overhanging nucleotides, RNA
;
_struct_keywords.pdbx_keywords   RNA 
# 
loop_
_struct_asym.id 
_struct_asym.pdbx_blank_PDB_chainid_flag 
_struct_asym.pdbx_modified 
_struct_asym.entity_id 
_struct_asym.details 
A N N 1 ? 
B N N 1 ? 
C N N 2 ? 
D N N 2 ? 
E N N 3 ? 
F N N 3 ? 
# 
_struct_ref.id                         1 
_struct_ref.db_name                    PDB 
_struct_ref.db_code                    4XW0 
_struct_ref.pdbx_db_accession          4XW0 
_struct_ref.pdbx_db_isoform            ? 
_struct_ref.entity_id                  1 
_struct_ref.pdbx_seq_one_letter_code   ? 
_struct_ref.pdbx_align_begin           1 
# 
loop_
_struct_ref_seq.align_id 
_struct_ref_seq.ref_id 
_struct_ref_seq.pdbx_PDB_id_code 
_struct_ref_seq.pdbx_strand_id 
_struct_ref_seq.seq_align_beg 
_struct_ref_seq.pdbx_seq_align_beg_ins_code 
_struct_ref_seq.seq_align_end 
_struct_ref_seq.pdbx_seq_align_end_ins_code 
_struct_ref_seq.pdbx_db_accession 
_struct_ref_seq.db_align_beg 
_struct_ref_seq.pdbx_db_align_beg_ins_code 
_struct_ref_seq.db_align_end 
_struct_ref_seq.pdbx_db_align_end_ins_code 
_struct_ref_seq.pdbx_auth_seq_align_beg 
_struct_ref_seq.pdbx_auth_seq_align_end 
1 1 4XW0 A 1 ? 10 ? 4XW0 1 ? 10 ? 1 10 
2 1 4XW0 B 1 ? 10 ? 4XW0 1 ? 10 ? 1 10 
# 
_pdbx_struct_assembly.id                   1 
_pdbx_struct_assembly.details              software_defined_assembly 
_pdbx_struct_assembly.method_details       PISA 
_pdbx_struct_assembly.oligomeric_details   dimeric 
_pdbx_struct_assembly.oligomeric_count     2 
# 
loop_
_pdbx_struct_assembly_prop.biol_id 
_pdbx_struct_assembly_prop.type 
_pdbx_struct_assembly_prop.value 
_pdbx_struct_assembly_prop.details 
1 'ABSA (A^2)' 2190 ? 
1 MORE         -24  ? 
1 'SSA (A^2)'  3790 ? 
# 
_pdbx_struct_assembly_gen.assembly_id       1 
_pdbx_struct_assembly_gen.oper_expression   1 
_pdbx_struct_assembly_gen.asym_id_list      A,B,C,D,E,F 
# 
_pdbx_struct_oper_list.id                   1 
_pdbx_struct_oper_list.type                 'identity operation' 
_pdbx_struct_oper_list.name                 1_555 
_pdbx_struct_oper_list.symmetry_operation   x,y,z 
_pdbx_struct_oper_list.matrix[1][1]         1.0000000000 
_pdbx_struct_oper_list.matrix[1][2]         0.0000000000 
_pdbx_struct_oper_list.matrix[1][3]         0.0000000000 
_pdbx_struct_oper_list.vector[1]            0.0000000000 
_pdbx_struct_oper_list.matrix[2][1]         0.0000000000 
_pdbx_struct_oper_list.matrix[2][2]         1.0000000000 
_pdbx_struct_oper_list.matrix[2][3]         0.0000000000 
_pdbx_struct_oper_list.vector[2]            0.0000000000 
_pdbx_struct_oper_list.matrix[3][1]         0.0000000000 
_pdbx_struct_oper_list.matrix[3][2]         0.0000000000 
_pdbx_struct_oper_list.matrix[3][3]         1.0000000000 
_pdbx_struct_oper_list.vector[3]            0.0000000000 
# 
loop_
_struct_conn.id 
_struct_conn.conn_type_id 
_struct_conn.pdbx_leaving_atom_flag 
_struct_conn.pdbx_PDB_id 
_struct_conn.ptnr1_label_asym_id 
_struct_conn.ptnr1_label_comp_id 
_struct_conn.ptnr1_label_seq_id 
_struct_conn.ptnr1_label_atom_id 
_struct_conn.pdbx_ptnr1_label_alt_id 
_struct_conn.pdbx_ptnr1_PDB_ins_code 
_struct_conn.pdbx_ptnr1_standard_comp_id 
_struct_conn.ptnr1_symmetry 
_struct_conn.ptnr2_label_asym_id 
_struct_conn.ptnr2_label_comp_id 
_struct_conn.ptnr2_label_seq_id 
_struct_conn.ptnr2_label_atom_id 
_struct_conn.pdbx_ptnr2_label_alt_id 
_struct_conn.pdbx_ptnr2_PDB_ins_code 
_struct_conn.ptnr1_auth_asym_id 
_struct_conn.ptnr1_auth_comp_id 
_struct_conn.ptnr1_auth_seq_id 
_struct_conn.ptnr2_auth_asym_id 
_struct_conn.ptnr2_auth_comp_id 
_struct_conn.ptnr2_auth_seq_id 
_struct_conn.ptnr2_symmetry 
_struct_conn.pdbx_ptnr3_label_atom_id 
_struct_conn.pdbx_ptnr3_label_seq_id 
_struct_conn.pdbx_ptnr3_label_comp_id 
_struct_conn.pdbx_ptnr3_label_asym_id 
_struct_conn.pdbx_ptnr3_label_alt_id 
_struct_conn.pdbx_ptnr3_PDB_ins_code 
_struct_conn.details 
_struct_conn.pdbx_dist_value 
_struct_conn.pdbx_value_order 
_struct_conn.pdbx_role 
covale1  covale both ? A U   4 "O3'" ? ? ? 1_555 A LCG 5  P  ? ? A U   4 A LCG 5  1_555 ? ? ? ? ? ? ?             1.599 ? ? 
covale2  covale both ? A LCG 5 "O3'" ? ? ? 1_555 A C   6  P  ? ? A LCG 5 A C   6  1_555 ? ? ? ? ? ? ?             1.602 ? ? 
covale3  covale both ? B U   4 "O3'" ? ? ? 1_555 B LCG 5  P  ? ? B U   4 B LCG 5  1_555 ? ? ? ? ? ? ?             1.602 ? ? 
covale4  covale both ? B LCG 5 "O3'" ? ? ? 1_555 B C   6  P  ? ? B LCG 5 B C   6  1_555 ? ? ? ? ? ? ?             1.603 ? ? 
hydrog1  hydrog ?    ? A G   1 N1    ? ? ? 1_555 B C   6  N3 ? ? A G   1 B C   6  1_555 ? ? ? ? ? ? WATSON-CRICK  ?     ? ? 
hydrog2  hydrog ?    ? A G   1 N2    ? ? ? 1_555 B C   6  O2 ? ? A G   1 B C   6  1_555 ? ? ? ? ? ? WATSON-CRICK  ?     ? ? 
hydrog3  hydrog ?    ? A G   1 O6    ? ? ? 1_555 B C   6  N4 ? ? A G   1 B C   6  1_555 ? ? ? ? ? ? WATSON-CRICK  ?     ? ? 
hydrog4  hydrog ?    ? A C   2 N3    ? ? ? 1_555 B LCG 5  N1 ? ? A C   2 B LCG 5  1_555 ? ? ? ? ? ? WATSON-CRICK  ?     ? ? 
hydrog5  hydrog ?    ? A C   2 N4    ? ? ? 1_555 B LCG 5  O6 ? ? A C   2 B LCG 5  1_555 ? ? ? ? ? ? WATSON-CRICK  ?     ? ? 
hydrog6  hydrog ?    ? A C   2 O2    ? ? ? 1_555 B LCG 5  N2 ? ? A C   2 B LCG 5  1_555 ? ? ? ? ? ? WATSON-CRICK  ?     ? ? 
hydrog7  hydrog ?    ? A C   3 N3    ? ? ? 1_555 B U   4  N3 ? ? A C   3 B U   4  1_555 ? ? ? ? ? ? TYPE_18_PAIR  ?     ? ? 
hydrog8  hydrog ?    ? A C   3 N4    ? ? ? 1_555 B U   4  O4 ? ? A C   3 B U   4  1_555 ? ? ? ? ? ? TYPE_18_PAIR  ?     ? ? 
hydrog9  hydrog ?    ? A U   4 N3    ? ? ? 1_555 B C   3  N3 ? ? A U   4 B C   3  1_555 ? ? ? ? ? ? TYPE_18_PAIR  ?     ? ? 
hydrog10 hydrog ?    ? A U   4 O4    ? ? ? 1_555 B C   3  N4 ? ? A U   4 B C   3  1_555 ? ? ? ? ? ? TYPE_18_PAIR  ?     ? ? 
hydrog11 hydrog ?    ? A LCG 5 N1    ? ? ? 1_555 B C   2  N3 ? ? A LCG 5 B C   2  1_555 ? ? ? ? ? ? WATSON-CRICK  ?     ? ? 
hydrog12 hydrog ?    ? A LCG 5 N2    ? ? ? 1_555 B C   2  O2 ? ? A LCG 5 B C   2  1_555 ? ? ? ? ? ? WATSON-CRICK  ?     ? ? 
hydrog13 hydrog ?    ? A LCG 5 O6    ? ? ? 1_555 B C   2  N4 ? ? A LCG 5 B C   2  1_555 ? ? ? ? ? ? WATSON-CRICK  ?     ? ? 
hydrog14 hydrog ?    ? A C   6 N3    ? ? ? 1_555 B G   1  N1 ? ? A C   6 B G   1  1_555 ? ? ? ? ? ? WATSON-CRICK  ?     ? ? 
hydrog15 hydrog ?    ? A C   6 N4    ? ? ? 1_555 B G   1  O6 ? ? A C   6 B G   1  1_555 ? ? ? ? ? ? WATSON-CRICK  ?     ? ? 
hydrog16 hydrog ?    ? A C   6 O2    ? ? ? 1_555 B G   1  N2 ? ? A C   6 B G   1  1_555 ? ? ? ? ? ? WATSON-CRICK  ?     ? ? 
hydrog17 hydrog ?    ? A U   8 O2    ? ? ? 1_555 A C   10 N4 ? ? A U   8 A C   10 1_555 ? ? ? ? ? ? 'U-C MISPAIR' ?     ? ? 
# 
loop_
_struct_conn_type.id 
_struct_conn_type.criteria 
_struct_conn_type.reference 
covale ? ? 
hydrog ? ? 
# 
loop_
_struct_site.id 
_struct_site.pdbx_evidence_code 
_struct_site.pdbx_auth_asym_id 
_struct_site.pdbx_auth_comp_id 
_struct_site.pdbx_auth_seq_id 
_struct_site.pdbx_auth_ins_code 
_struct_site.pdbx_num_residues 
_struct_site.details 
AC1 Software A SO4 101 ? 2 'binding site for residue SO4 A 101'               
AC2 Software A SO4 102 ? 4 'binding site for residue SO4 A 102'               
AC3 Software B LCG 5   ? 8 'binding site for Di-nucleotide LCG B 5 and C B 6' 
# 
loop_
_struct_site_gen.id 
_struct_site_gen.site_id 
_struct_site_gen.pdbx_num_res 
_struct_site_gen.label_comp_id 
_struct_site_gen.label_asym_id 
_struct_site_gen.label_seq_id 
_struct_site_gen.pdbx_auth_ins_code 
_struct_site_gen.auth_comp_id 
_struct_site_gen.auth_asym_id 
_struct_site_gen.auth_seq_id 
_struct_site_gen.label_atom_id 
_struct_site_gen.label_alt_id 
_struct_site_gen.symmetry 
_struct_site_gen.details 
1  AC1 2 C   A 6 ? C   A 6   . ? 1_555 ? 
2  AC1 2 C   A 7 ? C   A 7   . ? 1_555 ? 
3  AC2 4 C   A 2 ? C   A 2   . ? 1_555 ? 
4  AC2 4 C   A 3 ? C   A 3   . ? 1_555 ? 
5  AC2 4 HOH E . ? HOH A 202 . ? 1_555 ? 
6  AC2 4 HOH E . ? HOH A 210 . ? 1_555 ? 
7  AC3 8 G   A 1 ? G   A 1   . ? 1_555 ? 
8  AC3 8 C   A 2 ? C   A 2   . ? 1_555 ? 
9  AC3 8 C   A 3 ? C   A 3   . ? 1_555 ? 
10 AC3 8 LCG A 5 ? LCG A 5   . ? 4_465 ? 
11 AC3 8 C   A 6 ? C   A 6   . ? 4_465 ? 
12 AC3 8 U   B 4 ? U   B 4   . ? 1_555 ? 
13 AC3 8 C   B 7 ? C   B 7   . ? 1_555 ? 
14 AC3 8 HOH F . ? HOH B 106 . ? 1_555 ? 
# 
loop_
_pdbx_validate_rmsd_angle.id 
_pdbx_validate_rmsd_angle.PDB_model_num 
_pdbx_validate_rmsd_angle.auth_atom_id_1 
_pdbx_validate_rmsd_angle.auth_asym_id_1 
_pdbx_validate_rmsd_angle.auth_comp_id_1 
_pdbx_validate_rmsd_angle.auth_seq_id_1 
_pdbx_validate_rmsd_angle.PDB_ins_code_1 
_pdbx_validate_rmsd_angle.label_alt_id_1 
_pdbx_validate_rmsd_angle.auth_atom_id_2 
_pdbx_validate_rmsd_angle.auth_asym_id_2 
_pdbx_validate_rmsd_angle.auth_comp_id_2 
_pdbx_validate_rmsd_angle.auth_seq_id_2 
_pdbx_validate_rmsd_angle.PDB_ins_code_2 
_pdbx_validate_rmsd_angle.label_alt_id_2 
_pdbx_validate_rmsd_angle.auth_atom_id_3 
_pdbx_validate_rmsd_angle.auth_asym_id_3 
_pdbx_validate_rmsd_angle.auth_comp_id_3 
_pdbx_validate_rmsd_angle.auth_seq_id_3 
_pdbx_validate_rmsd_angle.PDB_ins_code_3 
_pdbx_validate_rmsd_angle.label_alt_id_3 
_pdbx_validate_rmsd_angle.angle_value 
_pdbx_validate_rmsd_angle.angle_target_value 
_pdbx_validate_rmsd_angle.angle_deviation 
_pdbx_validate_rmsd_angle.angle_standard_deviation 
_pdbx_validate_rmsd_angle.linker_flag 
1 1 N1 A C 10 ? ? C2 A C 10 ? ? O2    A C 10 ? ? 124.99 118.90 6.09  0.60 N 
2 1 N3 A C 10 ? ? C2 A C 10 ? ? O2    A C 10 ? ? 116.53 121.90 -5.37 0.70 N 
3 1 C2 A C 10 ? ? N1 A C 10 ? ? "C1'" A C 10 ? ? 127.60 118.80 8.80  1.10 N 
# 
loop_
_chem_comp_atom.comp_id 
_chem_comp_atom.atom_id 
_chem_comp_atom.type_symbol 
_chem_comp_atom.pdbx_aromatic_flag 
_chem_comp_atom.pdbx_stereo_config 
_chem_comp_atom.pdbx_ordinal 
C   OP3    O N N 1   
C   P      P N N 2   
C   OP1    O N N 3   
C   OP2    O N N 4   
C   "O5'"  O N N 5   
C   "C5'"  C N N 6   
C   "C4'"  C N R 7   
C   "O4'"  O N N 8   
C   "C3'"  C N S 9   
C   "O3'"  O N N 10  
C   "C2'"  C N R 11  
C   "O2'"  O N N 12  
C   "C1'"  C N R 13  
C   N1     N N N 14  
C   C2     C N N 15  
C   O2     O N N 16  
C   N3     N N N 17  
C   C4     C N N 18  
C   N4     N N N 19  
C   C5     C N N 20  
C   C6     C N N 21  
C   HOP3   H N N 22  
C   HOP2   H N N 23  
C   "H5'"  H N N 24  
C   "H5''" H N N 25  
C   "H4'"  H N N 26  
C   "H3'"  H N N 27  
C   "HO3'" H N N 28  
C   "H2'"  H N N 29  
C   "HO2'" H N N 30  
C   "H1'"  H N N 31  
C   H41    H N N 32  
C   H42    H N N 33  
C   H5     H N N 34  
C   H6     H N N 35  
G   OP3    O N N 36  
G   P      P N N 37  
G   OP1    O N N 38  
G   OP2    O N N 39  
G   "O5'"  O N N 40  
G   "C5'"  C N N 41  
G   "C4'"  C N R 42  
G   "O4'"  O N N 43  
G   "C3'"  C N S 44  
G   "O3'"  O N N 45  
G   "C2'"  C N R 46  
G   "O2'"  O N N 47  
G   "C1'"  C N R 48  
G   N9     N Y N 49  
G   C8     C Y N 50  
G   N7     N Y N 51  
G   C5     C Y N 52  
G   C6     C N N 53  
G   O6     O N N 54  
G   N1     N N N 55  
G   C2     C N N 56  
G   N2     N N N 57  
G   N3     N N N 58  
G   C4     C Y N 59  
G   HOP3   H N N 60  
G   HOP2   H N N 61  
G   "H5'"  H N N 62  
G   "H5''" H N N 63  
G   "H4'"  H N N 64  
G   "H3'"  H N N 65  
G   "HO3'" H N N 66  
G   "H2'"  H N N 67  
G   "HO2'" H N N 68  
G   "H1'"  H N N 69  
G   H8     H N N 70  
G   H1     H N N 71  
G   H21    H N N 72  
G   H22    H N N 73  
HOH O      O N N 74  
HOH H1     H N N 75  
HOH H2     H N N 76  
LCG P      P N N 77  
LCG OP1    O N N 78  
LCG "O5'"  O N N 79  
LCG "C5'"  C N N 80  
LCG "C3'"  C N S 81  
LCG "C6'"  C N N 82  
LCG N9     N Y N 83  
LCG C8     C Y N 84  
LCG C4     C Y N 85  
LCG N7     N Y N 86  
LCG C5     C Y N 87  
LCG C6     C N N 88  
LCG "C2'"  C N R 89  
LCG O6     O N N 90  
LCG "C4'"  C N R 91  
LCG "C1'"  C N R 92  
LCG C2     C N N 93  
LCG N1     N N N 94  
LCG "O4'"  O N N 95  
LCG OP2    O N N 96  
LCG N2     N N N 97  
LCG N3     N N N 98  
LCG "O2'"  O N N 99  
LCG "O3'"  O N N 100 
LCG OP3    O N N 101 
LCG "H5'"  H N N 102 
LCG "H5''" H N N 103 
LCG "H3'"  H N N 104 
LCG "H6'1" H N N 105 
LCG "H6'2" H N N 106 
LCG H8     H N N 107 
LCG "H2'"  H N N 108 
LCG "H1'"  H N N 109 
LCG H1     H N N 110 
LCG HOP2   H N N 111 
LCG H21    H N N 112 
LCG H22    H N N 113 
LCG "HO3'" H N N 114 
LCG HOP3   H N N 115 
SO4 S      S N N 116 
SO4 O1     O N N 117 
SO4 O2     O N N 118 
SO4 O3     O N N 119 
SO4 O4     O N N 120 
U   OP3    O N N 121 
U   P      P N N 122 
U   OP1    O N N 123 
U   OP2    O N N 124 
U   "O5'"  O N N 125 
U   "C5'"  C N N 126 
U   "C4'"  C N R 127 
U   "O4'"  O N N 128 
U   "C3'"  C N S 129 
U   "O3'"  O N N 130 
U   "C2'"  C N R 131 
U   "O2'"  O N N 132 
U   "C1'"  C N R 133 
U   N1     N N N 134 
U   C2     C N N 135 
U   O2     O N N 136 
U   N3     N N N 137 
U   C4     C N N 138 
U   O4     O N N 139 
U   C5     C N N 140 
U   C6     C N N 141 
U   HOP3   H N N 142 
U   HOP2   H N N 143 
U   "H5'"  H N N 144 
U   "H5''" H N N 145 
U   "H4'"  H N N 146 
U   "H3'"  H N N 147 
U   "HO3'" H N N 148 
U   "H2'"  H N N 149 
U   "HO2'" H N N 150 
U   "H1'"  H N N 151 
U   H3     H N N 152 
U   H5     H N N 153 
U   H6     H N N 154 
# 
loop_
_chem_comp_bond.comp_id 
_chem_comp_bond.atom_id_1 
_chem_comp_bond.atom_id_2 
_chem_comp_bond.value_order 
_chem_comp_bond.pdbx_aromatic_flag 
_chem_comp_bond.pdbx_stereo_config 
_chem_comp_bond.pdbx_ordinal 
C   OP3   P      sing N N 1   
C   OP3   HOP3   sing N N 2   
C   P     OP1    doub N N 3   
C   P     OP2    sing N N 4   
C   P     "O5'"  sing N N 5   
C   OP2   HOP2   sing N N 6   
C   "O5'" "C5'"  sing N N 7   
C   "C5'" "C4'"  sing N N 8   
C   "C5'" "H5'"  sing N N 9   
C   "C5'" "H5''" sing N N 10  
C   "C4'" "O4'"  sing N N 11  
C   "C4'" "C3'"  sing N N 12  
C   "C4'" "H4'"  sing N N 13  
C   "O4'" "C1'"  sing N N 14  
C   "C3'" "O3'"  sing N N 15  
C   "C3'" "C2'"  sing N N 16  
C   "C3'" "H3'"  sing N N 17  
C   "O3'" "HO3'" sing N N 18  
C   "C2'" "O2'"  sing N N 19  
C   "C2'" "C1'"  sing N N 20  
C   "C2'" "H2'"  sing N N 21  
C   "O2'" "HO2'" sing N N 22  
C   "C1'" N1     sing N N 23  
C   "C1'" "H1'"  sing N N 24  
C   N1    C2     sing N N 25  
C   N1    C6     sing N N 26  
C   C2    O2     doub N N 27  
C   C2    N3     sing N N 28  
C   N3    C4     doub N N 29  
C   C4    N4     sing N N 30  
C   C4    C5     sing N N 31  
C   N4    H41    sing N N 32  
C   N4    H42    sing N N 33  
C   C5    C6     doub N N 34  
C   C5    H5     sing N N 35  
C   C6    H6     sing N N 36  
G   OP3   P      sing N N 37  
G   OP3   HOP3   sing N N 38  
G   P     OP1    doub N N 39  
G   P     OP2    sing N N 40  
G   P     "O5'"  sing N N 41  
G   OP2   HOP2   sing N N 42  
G   "O5'" "C5'"  sing N N 43  
G   "C5'" "C4'"  sing N N 44  
G   "C5'" "H5'"  sing N N 45  
G   "C5'" "H5''" sing N N 46  
G   "C4'" "O4'"  sing N N 47  
G   "C4'" "C3'"  sing N N 48  
G   "C4'" "H4'"  sing N N 49  
G   "O4'" "C1'"  sing N N 50  
G   "C3'" "O3'"  sing N N 51  
G   "C3'" "C2'"  sing N N 52  
G   "C3'" "H3'"  sing N N 53  
G   "O3'" "HO3'" sing N N 54  
G   "C2'" "O2'"  sing N N 55  
G   "C2'" "C1'"  sing N N 56  
G   "C2'" "H2'"  sing N N 57  
G   "O2'" "HO2'" sing N N 58  
G   "C1'" N9     sing N N 59  
G   "C1'" "H1'"  sing N N 60  
G   N9    C8     sing Y N 61  
G   N9    C4     sing Y N 62  
G   C8    N7     doub Y N 63  
G   C8    H8     sing N N 64  
G   N7    C5     sing Y N 65  
G   C5    C6     sing N N 66  
G   C5    C4     doub Y N 67  
G   C6    O6     doub N N 68  
G   C6    N1     sing N N 69  
G   N1    C2     sing N N 70  
G   N1    H1     sing N N 71  
G   C2    N2     sing N N 72  
G   C2    N3     doub N N 73  
G   N2    H21    sing N N 74  
G   N2    H22    sing N N 75  
G   N3    C4     sing N N 76  
HOH O     H1     sing N N 77  
HOH O     H2     sing N N 78  
LCG P     OP1    doub N N 79  
LCG P     "O5'"  sing N N 80  
LCG P     OP2    sing N N 81  
LCG P     OP3    sing N N 82  
LCG "O5'" "C5'"  sing N N 83  
LCG "C5'" "C4'"  sing N N 84  
LCG "C5'" "H5'"  sing N N 85  
LCG "C5'" "H5''" sing N N 86  
LCG "C3'" "C2'"  sing N N 87  
LCG "C3'" "C4'"  sing N N 88  
LCG "C3'" "O3'"  sing N N 89  
LCG "C3'" "H3'"  sing N N 90  
LCG "C6'" "C4'"  sing N N 91  
LCG "C6'" "O2'"  sing N N 92  
LCG "C6'" "H6'1" sing N N 93  
LCG "C6'" "H6'2" sing N N 94  
LCG N9    C8     sing Y N 95  
LCG N9    C4     sing Y N 96  
LCG N9    "C1'"  sing N N 97  
LCG C8    N7     doub Y N 98  
LCG C8    H8     sing N N 99  
LCG C4    C5     doub Y N 100 
LCG C4    N3     sing N N 101 
LCG N7    C5     sing Y N 102 
LCG C5    C6     sing N N 103 
LCG C6    O6     doub N N 104 
LCG C6    N1     sing N N 105 
LCG "C2'" "C1'"  sing N N 106 
LCG "C2'" "O2'"  sing N N 107 
LCG "C2'" "H2'"  sing N N 108 
LCG "C4'" "O4'"  sing N N 109 
LCG "C1'" "O4'"  sing N N 110 
LCG "C1'" "H1'"  sing N N 111 
LCG C2    N1     sing N N 112 
LCG C2    N2     sing N N 113 
LCG C2    N3     doub N N 114 
LCG N1    H1     sing N N 115 
LCG OP2   HOP2   sing N N 116 
LCG N2    H21    sing N N 117 
LCG N2    H22    sing N N 118 
LCG "O3'" "HO3'" sing N N 119 
LCG OP3   HOP3   sing N N 120 
SO4 S     O1     doub N N 121 
SO4 S     O2     doub N N 122 
SO4 S     O3     sing N N 123 
SO4 S     O4     sing N N 124 
U   OP3   P      sing N N 125 
U   OP3   HOP3   sing N N 126 
U   P     OP1    doub N N 127 
U   P     OP2    sing N N 128 
U   P     "O5'"  sing N N 129 
U   OP2   HOP2   sing N N 130 
U   "O5'" "C5'"  sing N N 131 
U   "C5'" "C4'"  sing N N 132 
U   "C5'" "H5'"  sing N N 133 
U   "C5'" "H5''" sing N N 134 
U   "C4'" "O4'"  sing N N 135 
U   "C4'" "C3'"  sing N N 136 
U   "C4'" "H4'"  sing N N 137 
U   "O4'" "C1'"  sing N N 138 
U   "C3'" "O3'"  sing N N 139 
U   "C3'" "C2'"  sing N N 140 
U   "C3'" "H3'"  sing N N 141 
U   "O3'" "HO3'" sing N N 142 
U   "C2'" "O2'"  sing N N 143 
U   "C2'" "C1'"  sing N N 144 
U   "C2'" "H2'"  sing N N 145 
U   "O2'" "HO2'" sing N N 146 
U   "C1'" N1     sing N N 147 
U   "C1'" "H1'"  sing N N 148 
U   N1    C2     sing N N 149 
U   N1    C6     sing N N 150 
U   C2    O2     doub N N 151 
U   C2    N3     sing N N 152 
U   N3    C4     sing N N 153 
U   N3    H3     sing N N 154 
U   C4    O4     doub N N 155 
U   C4    C5     sing N N 156 
U   C5    C6     doub N N 157 
U   C5    H5     sing N N 158 
U   C6    H6     sing N N 159 
# 
loop_
_ndb_struct_conf_na.entry_id 
_ndb_struct_conf_na.feature 
4XW0 'double helix'        
4XW0 'a-form double helix' 
# 
loop_
_ndb_struct_na_base_pair.model_number 
_ndb_struct_na_base_pair.i_label_asym_id 
_ndb_struct_na_base_pair.i_label_comp_id 
_ndb_struct_na_base_pair.i_label_seq_id 
_ndb_struct_na_base_pair.i_symmetry 
_ndb_struct_na_base_pair.j_label_asym_id 
_ndb_struct_na_base_pair.j_label_comp_id 
_ndb_struct_na_base_pair.j_label_seq_id 
_ndb_struct_na_base_pair.j_symmetry 
_ndb_struct_na_base_pair.shear 
_ndb_struct_na_base_pair.stretch 
_ndb_struct_na_base_pair.stagger 
_ndb_struct_na_base_pair.buckle 
_ndb_struct_na_base_pair.propeller 
_ndb_struct_na_base_pair.opening 
_ndb_struct_na_base_pair.pair_number 
_ndb_struct_na_base_pair.pair_name 
_ndb_struct_na_base_pair.i_auth_asym_id 
_ndb_struct_na_base_pair.i_auth_seq_id 
_ndb_struct_na_base_pair.i_PDB_ins_code 
_ndb_struct_na_base_pair.j_auth_asym_id 
_ndb_struct_na_base_pair.j_auth_seq_id 
_ndb_struct_na_base_pair.j_PDB_ins_code 
_ndb_struct_na_base_pair.hbond_type_28 
_ndb_struct_na_base_pair.hbond_type_12 
1 A G   1 1_555 B C   6  1_555 -0.258 -0.321 -0.141 -2.037 -3.495  -2.974 1 A_G1:C6_B   A 1 ? B 6  ? 19 1 
1 A C   2 1_555 B LCG 5  1_555 0.445  -0.037 -0.228 0.605  -7.346  0.370  2 A_C2:LCG5_B A 2 ? B 5  ? 19 1 
1 A C   3 1_555 B U   4  1_555 0.386  -1.668 0.382  7.195  -5.746  15.043 3 A_C3:U4_B   A 3 ? B 4  ? 18 1 
1 A U   4 1_555 B C   3  1_555 -0.318 -1.431 0.239  -4.976 -8.928  18.064 4 A_U4:C3_B   A 4 ? B 3  ? 18 1 
1 A LCG 5 1_555 B C   2  1_555 -0.219 -0.092 -0.095 1.805  -5.834  1.916  5 A_LCG5:C2_B A 5 ? B 2  ? 19 1 
1 A C   6 1_555 B G   1  1_555 0.420  -0.099 -0.013 1.248  -0.406  -0.706 6 A_C6:G1_B   A 6 ? B 1  ? 19 1 
1 A U   8 1_555 A C   10 1_555 6.510  0.839  -0.820 12.141 -18.660 -6.151 7 A_U8:C10_A  A 8 ? A 10 ? ?  9 
# 
loop_
_ndb_struct_na_base_pair_step.model_number 
_ndb_struct_na_base_pair_step.i_label_asym_id_1 
_ndb_struct_na_base_pair_step.i_label_comp_id_1 
_ndb_struct_na_base_pair_step.i_label_seq_id_1 
_ndb_struct_na_base_pair_step.i_symmetry_1 
_ndb_struct_na_base_pair_step.j_label_asym_id_1 
_ndb_struct_na_base_pair_step.j_label_comp_id_1 
_ndb_struct_na_base_pair_step.j_label_seq_id_1 
_ndb_struct_na_base_pair_step.j_symmetry_1 
_ndb_struct_na_base_pair_step.i_label_asym_id_2 
_ndb_struct_na_base_pair_step.i_label_comp_id_2 
_ndb_struct_na_base_pair_step.i_label_seq_id_2 
_ndb_struct_na_base_pair_step.i_symmetry_2 
_ndb_struct_na_base_pair_step.j_label_asym_id_2 
_ndb_struct_na_base_pair_step.j_label_comp_id_2 
_ndb_struct_na_base_pair_step.j_label_seq_id_2 
_ndb_struct_na_base_pair_step.j_symmetry_2 
_ndb_struct_na_base_pair_step.shift 
_ndb_struct_na_base_pair_step.slide 
_ndb_struct_na_base_pair_step.rise 
_ndb_struct_na_base_pair_step.tilt 
_ndb_struct_na_base_pair_step.roll 
_ndb_struct_na_base_pair_step.twist 
_ndb_struct_na_base_pair_step.x_displacement 
_ndb_struct_na_base_pair_step.y_displacement 
_ndb_struct_na_base_pair_step.helical_rise 
_ndb_struct_na_base_pair_step.inclination 
_ndb_struct_na_base_pair_step.tip 
_ndb_struct_na_base_pair_step.helical_twist 
_ndb_struct_na_base_pair_step.step_number 
_ndb_struct_na_base_pair_step.step_name 
_ndb_struct_na_base_pair_step.i_auth_asym_id_1 
_ndb_struct_na_base_pair_step.i_auth_seq_id_1 
_ndb_struct_na_base_pair_step.i_PDB_ins_code_1 
_ndb_struct_na_base_pair_step.j_auth_asym_id_1 
_ndb_struct_na_base_pair_step.j_auth_seq_id_1 
_ndb_struct_na_base_pair_step.j_PDB_ins_code_1 
_ndb_struct_na_base_pair_step.i_auth_asym_id_2 
_ndb_struct_na_base_pair_step.i_auth_seq_id_2 
_ndb_struct_na_base_pair_step.i_PDB_ins_code_2 
_ndb_struct_na_base_pair_step.j_auth_asym_id_2 
_ndb_struct_na_base_pair_step.j_auth_seq_id_2 
_ndb_struct_na_base_pair_step.j_PDB_ins_code_2 
1 A G   1 1_555 B C   6 1_555 A C   2 1_555 B LCG 5 1_555 -0.420 -1.859 3.322 -1.502 3.377  31.628 -3.998 0.494  3.128 6.170  
2.745  31.838 1 AA_G1C2:LCG5C6_BB A 1 ? B 6 ? A 2 ? B 5 ? 
1 A C   2 1_555 B LCG 5 1_555 A C   3 1_555 B U   4 1_555 0.384  -1.626 3.117 -6.445 11.705 25.931 -5.382 -1.947 2.056 24.150 
13.298 29.119 2 AA_C2C3:U4LCG5_BB A 2 ? B 5 ? A 3 ? B 4 ? 
1 A C   3 1_555 B U   4 1_555 A U   4 1_555 B C   3 1_555 0.151  -1.123 3.618 3.225  18.678 34.364 -3.994 0.175  2.685 29.040 
-5.014 39.106 3 AA_C3U4:C3U4_BB   A 3 ? B 4 ? A 4 ? B 3 ? 
1 A U   4 1_555 B C   3 1_555 A LCG 5 1_555 B C   2 1_555 -0.451 -1.378 3.079 3.747  12.534 25.653 -5.139 1.615  2.105 26.171 
-7.824 28.746 4 AA_U4LCG5:C2C3_BB A 4 ? B 3 ? A 5 ? B 2 ? 
1 A LCG 5 1_555 B C   2 1_555 A C   6 1_555 B G   1 1_555 0.409  -1.935 3.354 0.314  3.523  31.801 -4.143 -0.685 3.131 6.404  
-0.570 31.992 5 AA_LCG5C6:G1C2_BB A 5 ? B 2 ? A 6 ? B 1 ? 
# 
_pdbx_audit_support.funding_organization   'National Science Centre' 
_pdbx_audit_support.country                Poland 
_pdbx_audit_support.grant_number           UMO-2011/01/B/NZ1/04429 
_pdbx_audit_support.ordinal                1 
# 
_pdbx_initial_refinement_model.id               1 
_pdbx_initial_refinement_model.entity_id_list   ? 
_pdbx_initial_refinement_model.type             'experimental model' 
_pdbx_initial_refinement_model.source_name      PDB 
_pdbx_initial_refinement_model.accession_code   3GLP 
_pdbx_initial_refinement_model.details          ? 
# 
_atom_sites.entry_id                    4XW0 
_atom_sites.fract_transf_matrix[1][1]   -0.01157773 
_atom_sites.fract_transf_matrix[1][2]   0.01385512 
_atom_sites.fract_transf_matrix[1][3]   0.03247971 
_atom_sites.fract_transf_matrix[2][1]   0.01250211 
_atom_sites.fract_transf_matrix[2][2]   -0.03035854 
_atom_sites.fract_transf_matrix[2][3]   0.01740679 
_atom_sites.fract_transf_matrix[3][1]   0.01103915 
_atom_sites.fract_transf_matrix[3][2]   0.00546552 
_atom_sites.fract_transf_matrix[3][3]   0.00160355 
_atom_sites.fract_transf_vector[1]      0.265198 
_atom_sites.fract_transf_vector[2]      1.269495 
_atom_sites.fract_transf_vector[3]      0.129005 
# 
loop_
_atom_type.symbol 
C 
N 
O 
P 
S 
# 
loop_
_atom_site.group_PDB 
_atom_site.id 
_atom_site.type_symbol 
_atom_site.label_atom_id 
_atom_site.label_alt_id 
_atom_site.label_comp_id 
_atom_site.label_asym_id 
_atom_site.label_entity_id 
_atom_site.label_seq_id 
_atom_site.pdbx_PDB_ins_code 
_atom_site.Cartn_x 
_atom_site.Cartn_y 
_atom_site.Cartn_z 
_atom_site.occupancy 
_atom_site.B_iso_or_equiv 
_atom_site.pdbx_formal_charge 
_atom_site.auth_seq_id 
_atom_site.auth_comp_id 
_atom_site.auth_asym_id 
_atom_site.auth_atom_id 
_atom_site.pdbx_PDB_model_num 
ATOM   1   O "O5'" . G   A 1 1  ? 1.497   3.682   9.002   1.00 57.41  ? 1   G   A "O5'" 1 
ATOM   2   C "C5'" . G   A 1 1  ? 0.653   4.309   8.053   1.00 46.67  ? 1   G   A "C5'" 1 
ATOM   3   C "C4'" . G   A 1 1  ? 1.267   5.584   7.548   1.00 38.43  ? 1   G   A "C4'" 1 
ATOM   4   O "O4'" . G   A 1 1  ? 2.672   5.363   7.313   1.00 50.77  ? 1   G   A "O4'" 1 
ATOM   5   C "C3'" . G   A 1 1  ? 0.738   6.090   6.220   1.00 40.24  ? 1   G   A "C3'" 1 
ATOM   6   O "O3'" . G   A 1 1  ? -0.438  6.858   6.368   1.00 39.66  ? 1   G   A "O3'" 1 
ATOM   7   C "C2'" . G   A 1 1  ? 1.905   6.880   5.660   1.00 45.17  ? 1   G   A "C2'" 1 
ATOM   8   O "O2'" . G   A 1 1  ? 1.962   8.160   6.267   1.00 52.06  ? 1   G   A "O2'" 1 
ATOM   9   C "C1'" . G   A 1 1  ? 3.091   6.071   6.169   1.00 48.82  ? 1   G   A "C1'" 1 
ATOM   10  N N9    . G   A 1 1  ? 3.596   5.087   5.198   1.00 44.09  ? 1   G   A N9    1 
ATOM   11  C C8    . G   A 1 1  ? 3.578   3.729   5.381   1.00 40.84  ? 1   G   A C8    1 
ATOM   12  N N7    . G   A 1 1  ? 4.104   3.059   4.396   1.00 41.13  ? 1   G   A N7    1 
ATOM   13  C C5    . G   A 1 1  ? 4.508   4.049   3.506   1.00 38.97  ? 1   G   A C5    1 
ATOM   14  C C6    . G   A 1 1  ? 5.150   3.935   2.240   1.00 38.11  ? 1   G   A C6    1 
ATOM   15  O O6    . G   A 1 1  ? 5.517   2.913   1.628   1.00 35.91  ? 1   G   A O6    1 
ATOM   16  N N1    . G   A 1 1  ? 5.354   5.194   1.671   1.00 36.77  ? 1   G   A N1    1 
ATOM   17  C C2    . G   A 1 1  ? 5.001   6.396   2.241   1.00 41.15  ? 1   G   A C2    1 
ATOM   18  N N2    . G   A 1 1  ? 5.311   7.476   1.513   1.00 35.76  ? 1   G   A N2    1 
ATOM   19  N N3    . G   A 1 1  ? 4.406   6.522   3.420   1.00 36.68  ? 1   G   A N3    1 
ATOM   20  C C4    . G   A 1 1  ? 4.199   5.314   3.989   1.00 41.87  ? 1   G   A C4    1 
ATOM   21  P P     . C   A 1 2  ? -1.612  6.689   5.293   1.00 49.53  ? 2   C   A P     1 
ATOM   22  O OP1   . C   A 1 2  ? -2.853  7.340   5.776   1.00 40.85  ? 2   C   A OP1   1 
ATOM   23  O OP2   . C   A 1 2  ? -1.620  5.274   4.852   1.00 44.47  ? 2   C   A OP2   1 
ATOM   24  O "O5'" . C   A 1 2  ? -1.074  7.488   4.036   1.00 49.09  ? 2   C   A "O5'" 1 
ATOM   25  C "C5'" . C   A 1 2  ? -0.823  8.873   4.094   1.00 35.17  ? 2   C   A "C5'" 1 
ATOM   26  C "C4'" . C   A 1 2  ? -0.204  9.306   2.803   1.00 31.45  ? 2   C   A "C4'" 1 
ATOM   27  O "O4'" . C   A 1 2  ? 1.121   8.744   2.714   1.00 36.02  ? 2   C   A "O4'" 1 
ATOM   28  C "C3'" . C   A 1 2  ? -0.872  8.811   1.529   1.00 36.33  ? 2   C   A "C3'" 1 
ATOM   29  O "O3'" . C   A 1 2  ? -2.040  9.520   1.173   1.00 36.20  ? 2   C   A "O3'" 1 
ATOM   30  C "C2'" . C   A 1 2  ? 0.245   8.963   0.524   1.00 35.59  ? 2   C   A "C2'" 1 
ATOM   31  O "O2'" . C   A 1 2  ? 0.407   10.337  0.192   1.00 36.68  ? 2   C   A "O2'" 1 
ATOM   32  C "C1'" . C   A 1 2  ? 1.442   8.505   1.359   1.00 35.13  ? 2   C   A "C1'" 1 
ATOM   33  N N1    . C   A 1 2  ? 1.693   7.058   1.181   1.00 36.71  ? 2   C   A N1    1 
ATOM   34  C C2    . C   A 1 2  ? 2.341   6.680   0.006   1.00 35.45  ? 2   C   A C2    1 
ATOM   35  O O2    . C   A 1 2  ? 2.676   7.577   -0.789  1.00 35.47  ? 2   C   A O2    1 
ATOM   36  N N3    . C   A 1 2  ? 2.583   5.376   -0.241  1.00 31.24  ? 2   C   A N3    1 
ATOM   37  C C4    . C   A 1 2  ? 2.202   4.463   0.637   1.00 30.91  ? 2   C   A C4    1 
ATOM   38  N N4    . C   A 1 2  ? 2.472   3.194   0.332   1.00 30.94  ? 2   C   A N4    1 
ATOM   39  C C5    . C   A 1 2  ? 1.533   4.814   1.849   1.00 39.32  ? 2   C   A C5    1 
ATOM   40  C C6    . C   A 1 2  ? 1.298   6.113   2.087   1.00 36.01  ? 2   C   A C6    1 
ATOM   41  P P     . C   A 1 3  ? -3.209  8.796   0.346   1.00 35.27  ? 3   C   A P     1 
ATOM   42  O OP1   . C   A 1 3  ? -4.315  9.769   0.241   1.00 41.76  ? 3   C   A OP1   1 
ATOM   43  O OP2   . C   A 1 3  ? -3.474  7.453   0.909   1.00 51.84  ? 3   C   A OP2   1 
ATOM   44  O "O5'" . C   A 1 3  ? -2.585  8.545   -1.092  1.00 39.53  ? 3   C   A "O5'" 1 
ATOM   45  C "C5'" . C   A 1 3  ? -2.326  9.620   -1.971  1.00 34.07  ? 3   C   A "C5'" 1 
ATOM   46  C "C4'" . C   A 1 3  ? -1.730  9.128   -3.266  1.00 40.22  ? 3   C   A "C4'" 1 
ATOM   47  O "O4'" . C   A 1 3  ? -0.507  8.381   -3.033  1.00 32.67  ? 3   C   A "O4'" 1 
ATOM   48  C "C3'" . C   A 1 3  ? -2.570  8.173   -4.094  1.00 34.67  ? 3   C   A "C3'" 1 
ATOM   49  O "O3'" . C   A 1 3  ? -3.627  8.826   -4.770  1.00 44.07  ? 3   C   A "O3'" 1 
ATOM   50  C "C2'" . C   A 1 3  ? -1.526  7.566   -5.022  1.00 35.69  ? 3   C   A "C2'" 1 
ATOM   51  O "O2'" . C   A 1 3  ? -1.163  8.494   -6.036  1.00 36.23  ? 3   C   A "O2'" 1 
ATOM   52  C "C1'" . C   A 1 3  ? -0.329  7.437   -4.076  1.00 31.34  ? 3   C   A "C1'" 1 
ATOM   53  N N1    . C   A 1 3  ? -0.191  6.081   -3.491  1.00 37.96  ? 3   C   A N1    1 
ATOM   54  C C2    . C   A 1 3  ? 0.344   5.031   -4.269  1.00 35.21  ? 3   C   A C2    1 
ATOM   55  O O2    . C   A 1 3  ? 0.679   5.253   -5.453  1.00 34.58  ? 3   C   A O2    1 
ATOM   56  N N3    . C   A 1 3  ? 0.487   3.795   -3.709  1.00 29.35  ? 3   C   A N3    1 
ATOM   57  C C4    . C   A 1 3  ? 0.122   3.594   -2.447  1.00 29.97  ? 3   C   A C4    1 
ATOM   58  N N4    . C   A 1 3  ? 0.274   2.369   -1.943  1.00 33.36  ? 3   C   A N4    1 
ATOM   59  C C5    . C   A 1 3  ? -0.421  4.635   -1.638  1.00 35.26  ? 3   C   A C5    1 
ATOM   60  C C6    . C   A 1 3  ? -0.551  5.853   -2.187  1.00 36.45  ? 3   C   A C6    1 
ATOM   61  P P     . U   A 1 4  ? -5.085  8.151   -4.866  1.00 41.00  ? 4   U   A P     1 
ATOM   62  O OP1   . U   A 1 4  ? -6.008  9.211   -5.336  1.00 42.59  ? 4   U   A OP1   1 
ATOM   63  O OP2   . U   A 1 4  ? -5.354  7.446   -3.577  1.00 35.76  ? 4   U   A OP2   1 
ATOM   64  O "O5'" . U   A 1 4  ? -4.909  7.084   -6.037  1.00 35.46  ? 4   U   A "O5'" 1 
ATOM   65  C "C5'" . U   A 1 4  ? -4.689  7.491   -7.374  1.00 28.35  ? 4   U   A "C5'" 1 
ATOM   66  C "C4'" . U   A 1 4  ? -4.416  6.290   -8.242  1.00 40.37  ? 4   U   A "C4'" 1 
ATOM   67  O "O4'" . U   A 1 4  ? -3.195  5.650   -7.816  1.00 31.96  ? 4   U   A "O4'" 1 
ATOM   68  C "C3'" . U   A 1 4  ? -5.451  5.174   -8.183  1.00 38.95  ? 4   U   A "C3'" 1 
ATOM   69  O "O3'" . U   A 1 4  ? -6.566  5.431   -9.012  1.00 39.23  ? 4   U   A "O3'" 1 
ATOM   70  C "C2'" . U   A 1 4  ? -4.651  3.961   -8.623  1.00 41.55  ? 4   U   A "C2'" 1 
ATOM   71  O "O2'" . U   A 1 4  ? -4.487  3.955   -10.036 1.00 40.03  ? 4   U   A "O2'" 1 
ATOM   72  C "C1'" . U   A 1 4  ? -3.295  4.252   -7.984  1.00 36.69  ? 4   U   A "C1'" 1 
ATOM   73  N N1    . U   A 1 4  ? -3.134  3.610   -6.658  1.00 35.93  ? 4   U   A N1    1 
ATOM   74  C C2    . U   A 1 4  ? -2.665  2.320   -6.628  1.00 32.47  ? 4   U   A C2    1 
ATOM   75  O O2    . U   A 1 4  ? -2.422  1.671   -7.628  1.00 40.25  ? 4   U   A O2    1 
ATOM   76  N N3    . U   A 1 4  ? -2.497  1.803   -5.380  1.00 30.16  ? 4   U   A N3    1 
ATOM   77  C C4    . U   A 1 4  ? -2.748  2.418   -4.180  1.00 32.62  ? 4   U   A C4    1 
ATOM   78  O O4    . U   A 1 4  ? -2.539  1.789   -3.141  1.00 30.77  ? 4   U   A O4    1 
ATOM   79  C C5    . U   A 1 4  ? -3.221  3.765   -4.288  1.00 28.86  ? 4   U   A C5    1 
ATOM   80  C C6    . U   A 1 4  ? -3.392  4.296   -5.495  1.00 30.49  ? 4   U   A C6    1 
HETATM 81  P P     . LCG A 1 5  ? -8.035  5.567   -8.396  1.00 44.04  ? 5   LCG A P     1 
HETATM 82  O OP1   . LCG A 1 5  ? -8.863  6.498   -9.508  1.00 42.29  ? 5   LCG A OP1   1 
HETATM 83  O "O5'" . LCG A 1 5  ? -8.549  4.064   -8.272  1.00 41.78  ? 5   LCG A "O5'" 1 
HETATM 84  C "C5'" . LCG A 1 5  ? -8.775  3.563   -9.556  1.00 40.04  ? 5   LCG A "C5'" 1 
HETATM 85  C "C3'" . LCG A 1 5  ? -9.035  1.167   -8.396  1.00 33.33  ? 5   LCG A "C3'" 1 
HETATM 86  C "C6'" . LCG A 1 5  ? -8.441  1.208   -10.688 1.00 35.59  ? 5   LCG A "C6'" 1 
HETATM 87  N N9    . LCG A 1 5  ? -6.339  0.686   -7.247  1.00 32.70  ? 5   LCG A N9    1 
HETATM 88  C C8    . LCG A 1 5  ? -6.516  1.625   -6.315  1.00 30.99  ? 5   LCG A C8    1 
HETATM 89  C C4    . LCG A 1 5  ? -5.686  -0.341  -6.714  1.00 30.09  ? 5   LCG A C4    1 
HETATM 90  N N7    . LCG A 1 5  ? -5.983  1.191   -5.180  1.00 35.07  ? 5   LCG A N7    1 
HETATM 91  C C5    . LCG A 1 5  ? -5.460  -0.020  -5.394  1.00 29.24  ? 5   LCG A C5    1 
HETATM 92  C C6    . LCG A 1 5  ? -4.769  -0.985  -4.532  1.00 28.28  ? 5   LCG A C6    1 
HETATM 93  C "C2'" . LCG A 1 5  ? -8.048  0.022   -8.809  1.00 30.20  ? 5   LCG A "C2'" 1 
HETATM 94  O O6    . LCG A 1 5  ? -4.567  -0.713  -3.327  1.00 32.17  ? 5   LCG A O6    1 
HETATM 95  C "C4'" . LCG A 1 5  ? -8.314  2.149   -9.453  1.00 37.63  ? 5   LCG A "C4'" 1 
HETATM 96  C "C1'" . LCG A 1 5  ? -6.757  0.719   -8.655  1.00 34.83  ? 5   LCG A "C1'" 1 
HETATM 97  C C2    . LCG A 1 5  ? -4.582  -2.516  -6.426  1.00 22.99  ? 5   LCG A C2    1 
HETATM 98  N N1    . LCG A 1 5  ? -4.345  -2.214  -5.079  1.00 30.14  ? 5   LCG A N1    1 
HETATM 99  O "O4'" . LCG A 1 5  ? -7.016  2.063   -9.059  1.00 41.90  ? 5   LCG A "O4'" 1 
HETATM 100 O OP2   . LCG A 1 5  ? -8.103  6.146   -6.808  1.00 42.85  ? 5   LCG A OP2   1 
HETATM 101 N N2    . LCG A 1 5  ? -4.160  -3.788  -6.944  1.00 27.81  ? 5   LCG A N2    1 
HETATM 102 N N3    . LCG A 1 5  ? -5.242  -1.601  -7.277  1.00 28.33  ? 5   LCG A N3    1 
HETATM 103 O "O2'" . LCG A 1 5  ? -8.240  -0.050  -10.158 1.00 37.05  ? 5   LCG A "O2'" 1 
HETATM 104 O "O3'" . LCG A 1 5  ? -10.364 0.861   -8.734  1.00 36.16  ? 5   LCG A "O3'" 1 
ATOM   105 P P     . C   A 1 6  ? -11.338 0.166   -7.669  1.00 39.30  ? 6   C   A P     1 
ATOM   106 O OP1   . C   A 1 6  ? -12.650 0.100   -8.348  1.00 45.11  ? 6   C   A OP1   1 
ATOM   107 O OP2   . C   A 1 6  ? -11.273 0.763   -6.310  1.00 40.49  ? 6   C   A OP2   1 
ATOM   108 O "O5'" . C   A 1 6  ? -10.768 -1.306  -7.580  1.00 37.92  ? 6   C   A "O5'" 1 
ATOM   109 C "C5'" . C   A 1 6  ? -10.753 -2.127  -8.733  1.00 36.50  ? 6   C   A "C5'" 1 
ATOM   110 C "C4'" . C   A 1 6  ? -10.062 -3.425  -8.443  1.00 32.86  ? 6   C   A "C4'" 1 
ATOM   111 O "O4'" . C   A 1 6  ? -8.721  -3.157  -7.974  1.00 32.29  ? 6   C   A "O4'" 1 
ATOM   112 C "C3'" . C   A 1 6  ? -10.669 -4.257  -7.334  1.00 31.08  ? 6   C   A "C3'" 1 
ATOM   113 O "O3'" . C   A 1 6  ? -11.784 -5.014  -7.757  1.00 38.30  ? 6   C   A "O3'" 1 
ATOM   114 C "C2'" . C   A 1 6  ? -9.497  -5.116  -6.903  1.00 31.52  ? 6   C   A "C2'" 1 
ATOM   115 O "O2'" . C   A 1 6  ? -9.290  -6.143  -7.854  1.00 41.33  ? 6   C   A "O2'" 1 
ATOM   116 C "C1'" . C   A 1 6  ? -8.352  -4.118  -7.007  1.00 30.94  ? 6   C   A "C1'" 1 
ATOM   117 N N1    . C   A 1 6  ? -8.119  -3.424  -5.721  1.00 29.01  ? 6   C   A N1    1 
ATOM   118 C C2    . C   A 1 6  ? -7.466  -4.129  -4.730  1.00 30.98  ? 6   C   A C2    1 
ATOM   119 O O2    . C   A 1 6  ? -7.114  -5.287  -4.991  1.00 35.18  ? 6   C   A O2    1 
ATOM   120 N N3    . C   A 1 6  ? -7.225  -3.541  -3.536  1.00 33.70  ? 6   C   A N3    1 
ATOM   121 C C4    . C   A 1 6  ? -7.634  -2.300  -3.314  1.00 35.97  ? 6   C   A C4    1 
ATOM   122 N N4    . C   A 1 6  ? -7.381  -1.760  -2.121  1.00 36.52  ? 6   C   A N4    1 
ATOM   123 C C5    . C   A 1 6  ? -8.317  -1.556  -4.306  1.00 31.07  ? 6   C   A C5    1 
ATOM   124 C C6    . C   A 1 6  ? -8.542  -2.149  -5.484  1.00 30.60  ? 6   C   A C6    1 
ATOM   125 P P     . C   A 1 7  ? -12.977 -5.320  -6.741  1.00 36.53  ? 7   C   A P     1 
ATOM   126 O OP1   . C   A 1 7  ? -13.994 -6.080  -7.534  1.00 37.24  ? 7   C   A OP1   1 
ATOM   127 O OP2   . C   A 1 7  ? -13.372 -4.008  -6.164  1.00 41.91  ? 7   C   A OP2   1 
ATOM   128 O "O5'" . C   A 1 7  ? -12.310 -6.165  -5.547  1.00 31.04  ? 7   C   A "O5'" 1 
ATOM   129 C "C5'" . C   A 1 7  ? -12.189 -7.576  -5.618  1.00 33.67  ? 7   C   A "C5'" 1 
ATOM   130 C "C4'" . C   A 1 7  ? -11.207 -8.163  -4.620  1.00 34.15  ? 7   C   A "C4'" 1 
ATOM   131 O "O4'" . C   A 1 7  ? -10.078 -7.284  -4.396  1.00 38.86  ? 7   C   A "O4'" 1 
ATOM   132 C "C3'" . C   A 1 7  ? -11.695 -8.459  -3.209  1.00 35.81  ? 7   C   A "C3'" 1 
ATOM   133 O "O3'" . C   A 1 7  ? -12.525 -9.601  -3.119  1.00 36.00  ? 7   C   A "O3'" 1 
ATOM   134 C "C2'" . C   A 1 7  ? -10.384 -8.638  -2.477  1.00 30.31  ? 7   C   A "C2'" 1 
ATOM   135 O "O2'" . C   A 1 7  ? -9.792  -9.869  -2.845  1.00 40.61  ? 7   C   A "O2'" 1 
ATOM   136 C "C1'" . C   A 1 7  ? -9.550  -7.526  -3.104  1.00 34.43  ? 7   C   A "C1'" 1 
ATOM   137 N N1    . C   A 1 7  ? -9.623  -6.293  -2.291  1.00 29.41  ? 7   C   A N1    1 
ATOM   138 C C2    . C   A 1 7  ? -8.970  -6.299  -1.046  1.00 32.64  ? 7   C   A C2    1 
ATOM   139 O O2    . C   A 1 7  ? -8.332  -7.297  -0.628  1.00 32.80  ? 7   C   A O2    1 
ATOM   140 N N3    . C   A 1 7  ? -9.048  -5.194  -0.296  1.00 35.49  ? 7   C   A N3    1 
ATOM   141 C C4    . C   A 1 7  ? -9.727  -4.125  -0.722  1.00 40.53  ? 7   C   A C4    1 
ATOM   142 N N4    . C   A 1 7  ? -9.743  -3.058  0.085   1.00 37.66  ? 7   C   A N4    1 
ATOM   143 C C5    . C   A 1 7  ? -10.403 -4.094  -1.981  1.00 34.51  ? 7   C   A C5    1 
ATOM   144 C C6    . C   A 1 7  ? -10.328 -5.206  -2.723  1.00 33.04  ? 7   C   A C6    1 
ATOM   145 P P     . U   A 1 8  ? -13.700 -9.678  -2.023  1.00 41.52  ? 8   U   A P     1 
ATOM   146 O OP1   . U   A 1 8  ? -14.270 -11.052 -2.151  1.00 36.09  ? 8   U   A OP1   1 
ATOM   147 O OP2   . U   A 1 8  ? -14.553 -8.478  -2.123  1.00 32.28  ? 8   U   A OP2   1 
ATOM   148 O "O5'" . U   A 1 8  ? -12.967 -9.511  -0.618  1.00 39.80  ? 8   U   A "O5'" 1 
ATOM   149 C "C5'" . U   A 1 8  ? -12.123 -10.528 -0.109  1.00 37.14  ? 8   U   A "C5'" 1 
ATOM   150 C "C4'" . U   A 1 8  ? -11.447 -10.083 1.161   1.00 31.93  ? 8   U   A "C4'" 1 
ATOM   151 O "O4'" . U   A 1 8  ? -10.687 -8.874  0.934   1.00 36.88  ? 8   U   A "O4'" 1 
ATOM   152 C "C3'" . U   A 1 8  ? -12.371 -9.725  2.297   1.00 36.56  ? 8   U   A "C3'" 1 
ATOM   153 O "O3'" . U   A 1 8  ? -12.815 -10.884 2.953   1.00 39.43  ? 8   U   A "O3'" 1 
ATOM   154 C "C2'" . U   A 1 8  ? -11.488 -8.826  3.155   1.00 42.08  ? 8   U   A "C2'" 1 
ATOM   155 O "O2'" . U   A 1 8  ? -10.544 -9.606  3.860   1.00 41.55  ? 8   U   A "O2'" 1 
ATOM   156 C "C1'" . U   A 1 8  ? -10.729 -8.056  2.084   1.00 35.19  ? 8   U   A "C1'" 1 
ATOM   157 N N1    . U   A 1 8  ? -11.400 -6.786  1.717   1.00 39.91  ? 8   U   A N1    1 
ATOM   158 C C2    . U   A 1 8  ? -11.210 -5.661  2.500   1.00 36.41  ? 8   U   A C2    1 
ATOM   159 O O2    . U   A 1 8  ? -10.510 -5.652  3.499   1.00 39.84  ? 8   U   A O2    1 
ATOM   160 N N3    . U   A 1 8  ? -11.867 -4.533  2.062   1.00 37.33  ? 8   U   A N3    1 
ATOM   161 C C4    . U   A 1 8  ? -12.691 -4.422  0.948   1.00 50.36  ? 8   U   A C4    1 
ATOM   162 O O4    . U   A 1 8  ? -13.242 -3.350  0.661   1.00 55.71  ? 8   U   A O4    1 
ATOM   163 C C5    . U   A 1 8  ? -12.834 -5.633  0.204   1.00 39.90  ? 8   U   A C5    1 
ATOM   164 C C6    . U   A 1 8  ? -12.203 -6.736  0.605   1.00 37.31  ? 8   U   A C6    1 
ATOM   165 P P     . G   A 1 9  ? -13.950 -10.818 4.064   1.00 39.90  ? 9   G   A P     1 
ATOM   166 O OP1   . G   A 1 9  ? -14.321 -12.241 4.255   1.00 45.87  ? 9   G   A OP1   1 
ATOM   167 O OP2   . G   A 1 9  ? -14.965 -9.806  3.698   1.00 34.51  ? 9   G   A OP2   1 
ATOM   168 O "O5'" . G   A 1 9  ? -13.163 -10.345 5.361   1.00 47.25  ? 9   G   A "O5'" 1 
ATOM   169 C "C5'" . G   A 1 9  ? -12.170 -11.170 5.969   1.00 45.47  ? 9   G   A "C5'" 1 
ATOM   170 C "C4'" . G   A 1 9  ? -12.003 -10.836 7.432   1.00 45.58  ? 9   G   A "C4'" 1 
ATOM   171 O "O4'" . G   A 1 9  ? -11.654 -9.433  7.543   1.00 46.34  ? 9   G   A "O4'" 1 
ATOM   172 C "C3'" . G   A 1 9  ? -13.261 -11.025 8.283   1.00 47.54  ? 9   G   A "C3'" 1 
ATOM   173 O "O3'" . G   A 1 9  ? -12.902 -11.327 9.629   1.00 58.20  ? 9   G   A "O3'" 1 
ATOM   174 C "C2'" . G   A 1 9  ? -13.890 -9.647  8.251   1.00 44.33  ? 9   G   A "C2'" 1 
ATOM   175 O "O2'" . G   A 1 9  ? -14.745 -9.385  9.338   1.00 49.27  ? 9   G   A "O2'" 1 
ATOM   176 C "C1'" . G   A 1 9  ? -12.655 -8.741  8.261   1.00 47.79  ? 9   G   A "C1'" 1 
ATOM   177 N N9    . G   A 1 9  ? -12.881 -7.445  7.608   1.00 43.37  ? 9   G   A N9    1 
ATOM   178 C C8    . G   A 1 9  ? -13.356 -7.226  6.332   1.00 41.64  ? 9   G   A C8    1 
ATOM   179 N N7    . G   A 1 9  ? -13.505 -5.965  6.034   1.00 38.30  ? 9   G   A N7    1 
ATOM   180 C C5    . G   A 1 9  ? -13.098 -5.304  7.184   1.00 38.02  ? 9   G   A C5    1 
ATOM   181 C C6    . G   A 1 9  ? -13.032 -3.916  7.460   1.00 39.64  ? 9   G   A C6    1 
ATOM   182 O O6    . G   A 1 9  ? -13.323 -2.964  6.717   1.00 34.97  ? 9   G   A O6    1 
ATOM   183 N N1    . G   A 1 9  ? -12.569 -3.695  8.751   1.00 35.35  ? 9   G   A N1    1 
ATOM   184 C C2    . G   A 1 9  ? -12.221 -4.664  9.659   1.00 38.04  ? 9   G   A C2    1 
ATOM   185 N N2    . G   A 1 9  ? -11.802 -4.236  10.859  1.00 38.33  ? 9   G   A N2    1 
ATOM   186 N N3    . G   A 1 9  ? -12.273 -5.955  9.415   1.00 40.85  ? 9   G   A N3    1 
ATOM   187 C C4    . G   A 1 9  ? -12.715 -6.199  8.166   1.00 44.27  ? 9   G   A C4    1 
ATOM   188 P P     . C   A 1 10 ? -12.485 -12.821 10.058  1.00 68.35  ? 10  C   A P     1 
ATOM   189 O OP1   . C   A 1 10 ? -12.960 -13.808 9.052   1.00 59.35  ? 10  C   A OP1   1 
ATOM   190 O OP2   . C   A 1 10 ? -12.915 -12.962 11.466  1.00 62.56  ? 10  C   A OP2   1 
ATOM   191 O "O5'" . C   A 1 10 ? -10.889 -12.830 9.958   1.00 65.93  ? 10  C   A "O5'" 1 
ATOM   192 C "C5'" . C   A 1 10 ? -10.103 -11.761 10.472  1.00 56.47  ? 10  C   A "C5'" 1 
ATOM   193 C "C4'" . C   A 1 10 ? -8.746  -11.663 9.805   1.00 55.00  ? 10  C   A "C4'" 1 
ATOM   194 O "O4'" . C   A 1 10 ? -8.899  -11.166 8.451   1.00 60.70  ? 10  C   A "O4'" 1 
ATOM   195 C "C3'" . C   A 1 10 ? -7.786  -10.681 10.461  1.00 64.86  ? 10  C   A "C3'" 1 
ATOM   196 O "O3'" . C   A 1 10 ? -7.094  -11.239 11.561  1.00 88.52  ? 10  C   A "O3'" 1 
ATOM   197 C "C2'" . C   A 1 10 ? -6.881  -10.232 9.313   1.00 53.94  ? 10  C   A "C2'" 1 
ATOM   198 O "O2'" . C   A 1 10 ? -5.809  -11.133 9.077   1.00 55.78  ? 10  C   A "O2'" 1 
ATOM   199 C "C1'" . C   A 1 10 ? -7.840  -10.282 8.129   1.00 55.92  ? 10  C   A "C1'" 1 
ATOM   200 N N1    . C   A 1 10 ? -8.390  -8.952  7.738   1.00 47.25  ? 10  C   A N1    1 
ATOM   201 C C2    . C   A 1 10 ? -8.571  -7.801  8.573   1.00 52.90  ? 10  C   A C2    1 
ATOM   202 O O2    . C   A 1 10 ? -8.332  -7.760  9.802   1.00 53.71  ? 10  C   A O2    1 
ATOM   203 N N3    . C   A 1 10 ? -9.064  -6.660  8.010   1.00 46.11  ? 10  C   A N3    1 
ATOM   204 C C4    . C   A 1 10 ? -9.367  -6.587  6.713   1.00 45.53  ? 10  C   A C4    1 
ATOM   205 N N4    . C   A 1 10 ? -9.852  -5.432  6.231   1.00 41.43  ? 10  C   A N4    1 
ATOM   206 C C5    . C   A 1 10 ? -9.189  -7.716  5.863   1.00 45.44  ? 10  C   A C5    1 
ATOM   207 C C6    . C   A 1 10 ? -8.703  -8.847  6.410   1.00 44.24  ? 10  C   A C6    1 
ATOM   208 O "O5'" . G   B 1 1  ? -1.260  -8.797  5.030   1.00 54.41  ? 1   G   B "O5'" 1 
ATOM   209 C "C5'" . G   B 1 1  ? -1.066  -8.224  3.753   1.00 42.49  ? 1   G   B "C5'" 1 
ATOM   210 C "C4'" . G   B 1 1  ? -1.598  -9.103  2.650   1.00 40.41  ? 1   G   B "C4'" 1 
ATOM   211 O "O4'" . G   B 1 1  ? -3.037  -8.984  2.607   1.00 48.09  ? 1   G   B "O4'" 1 
ATOM   212 C "C3'" . G   B 1 1  ? -1.129  -8.687  1.271   1.00 46.77  ? 1   G   B "C3'" 1 
ATOM   213 O "O3'" . G   B 1 1  ? 0.074   -9.321  0.902   1.00 45.36  ? 1   G   B "O3'" 1 
ATOM   214 C "C2'" . G   B 1 1  ? -2.291  -9.019  0.363   1.00 39.27  ? 1   G   B "C2'" 1 
ATOM   215 O "O2'" . G   B 1 1  ? -2.244  -10.384 0.002   1.00 49.85  ? 1   G   B "O2'" 1 
ATOM   216 C "C1'" . G   B 1 1  ? -3.475  -8.782  1.288   1.00 43.27  ? 1   G   B "C1'" 1 
ATOM   217 N N9    . G   B 1 1  ? -3.994  -7.404  1.213   1.00 41.57  ? 1   G   B N9    1 
ATOM   218 C C8    . G   B 1 1  ? -3.971  -6.450  2.215   1.00 39.81  ? 1   G   B C8    1 
ATOM   219 N N7    . G   B 1 1  ? -4.519  -5.314  1.862   1.00 41.28  ? 1   G   B N7    1 
ATOM   220 C C5    . G   B 1 1  ? -4.932  -5.547  0.552   1.00 35.98  ? 1   G   B C5    1 
ATOM   221 C C6    . G   B 1 1  ? -5.599  -4.707  -0.381  1.00 35.39  ? 1   G   B C6    1 
ATOM   222 O O6    . G   B 1 1  ? -5.981  -3.541  -0.216  1.00 30.29  ? 1   G   B O6    1 
ATOM   223 N N1    . G   B 1 1  ? -5.800  -5.344  -1.621  1.00 30.19  ? 1   G   B N1    1 
ATOM   224 C C2    . G   B 1 1  ? -5.421  -6.636  -1.918  1.00 36.12  ? 1   G   B C2    1 
ATOM   225 N N2    . G   B 1 1  ? -5.705  -7.098  -3.150  1.00 29.00  ? 1   G   B N2    1 
ATOM   226 N N3    . G   B 1 1  ? -4.808  -7.432  -1.050  1.00 40.52  ? 1   G   B N3    1 
ATOM   227 C C4    . G   B 1 1  ? -4.604  -6.828  0.142   1.00 35.24  ? 1   G   B C4    1 
ATOM   228 P P     . C   B 1 2  ? 1.191   -8.438  0.186   1.00 45.79  ? 2   C   B P     1 
ATOM   229 O OP1   . C   B 1 2  ? 2.469   -9.164  0.189   1.00 47.89  ? 2   C   B OP1   1 
ATOM   230 O OP2   . C   B 1 2  ? 1.066   -7.066  0.739   1.00 47.88  ? 2   C   B OP2   1 
ATOM   231 O "O5'" . C   B 1 2  ? 0.708   -8.361  -1.323  1.00 46.72  ? 2   C   B "O5'" 1 
ATOM   232 C "C5'" . C   B 1 2  ? 0.307   -9.525  -2.023  1.00 42.45  ? 2   C   B "C5'" 1 
ATOM   233 C "C4'" . C   B 1 2  ? -0.330  -9.143  -3.327  1.00 37.98  ? 2   C   B "C4'" 1 
ATOM   234 O "O4'" . C   B 1 2  ? -1.678  -8.663  -3.097  1.00 37.46  ? 2   C   B "O4'" 1 
ATOM   235 C "C3'" . C   B 1 2  ? 0.325   -7.996  -4.079  1.00 38.88  ? 2   C   B "C3'" 1 
ATOM   236 O "O3'" . C   B 1 2  ? 1.513   -8.364  -4.761  1.00 41.18  ? 2   C   B "O3'" 1 
ATOM   237 C "C2'" . C   B 1 2  ? -0.796  -7.559  -4.998  1.00 33.55  ? 2   C   B "C2'" 1 
ATOM   238 O "O2'" . C   B 1 2  ? -0.932  -8.488  -6.063  1.00 35.08  ? 2   C   B "O2'" 1 
ATOM   239 C "C1'" . C   B 1 2  ? -2.003  -7.689  -4.067  1.00 34.20  ? 2   C   B "C1'" 1 
ATOM   240 N N1    . C   B 1 2  ? -2.285  -6.407  -3.385  1.00 31.53  ? 2   C   B N1    1 
ATOM   241 C C2    . C   B 1 2  ? -2.933  -5.372  -4.086  1.00 30.82  ? 2   C   B C2    1 
ATOM   242 O O2    . C   B 1 2  ? -3.301  -5.524  -5.252  1.00 31.10  ? 2   C   B O2    1 
ATOM   243 N N3    . C   B 1 2  ? -3.174  -4.197  -3.484  1.00 33.62  ? 2   C   B N3    1 
ATOM   244 C C4    . C   B 1 2  ? -2.792  -4.002  -2.234  1.00 32.71  ? 2   C   B C4    1 
ATOM   245 N N4    . C   B 1 2  ? -3.061  -2.803  -1.696  1.00 28.90  ? 2   C   B N4    1 
ATOM   246 C C5    . C   B 1 2  ? -2.121  -5.026  -1.502  1.00 37.63  ? 2   C   B C5    1 
ATOM   247 C C6    . C   B 1 2  ? -1.891  -6.201  -2.100  1.00 36.63  ? 2   C   B C6    1 
ATOM   248 P P     . C   B 1 3  ? 2.662   -7.289  -5.076  1.00 34.72  ? 3   C   B P     1 
ATOM   249 O OP1   . C   B 1 3  ? 3.731   -8.023  -5.785  1.00 45.16  ? 3   C   B OP1   1 
ATOM   250 O OP2   . C   B 1 3  ? 2.977   -6.493  -3.864  1.00 39.60  ? 3   C   B OP2   1 
ATOM   251 O "O5'" . C   B 1 3  ? 1.991   -6.254  -6.074  1.00 33.96  ? 3   C   B "O5'" 1 
ATOM   252 C "C5'" . C   B 1 3  ? 1.593   -6.647  -7.372  1.00 36.77  ? 3   C   B "C5'" 1 
ATOM   253 C "C4'" . C   B 1 3  ? 0.992   -5.485  -8.121  1.00 40.17  ? 3   C   B "C4'" 1 
ATOM   254 O "O4'" . C   B 1 3  ? -0.236  -5.031  -7.498  1.00 37.73  ? 3   C   B "O4'" 1 
ATOM   255 C "C3'" . C   B 1 3  ? 1.836   -4.232  -8.203  1.00 32.89  ? 3   C   B "C3'" 1 
ATOM   256 O "O3'" . C   B 1 3  ? 2.849   -4.368  -9.166  1.00 34.20  ? 3   C   B "O3'" 1 
ATOM   257 C "C2'" . C   B 1 3  ? 0.800   -3.176  -8.563  1.00 39.27  ? 3   C   B "C2'" 1 
ATOM   258 O "O2'" . C   B 1 3  ? 0.449   -3.280  -9.935  1.00 34.81  ? 3   C   B "O2'" 1 
ATOM   259 C "C1'" . C   B 1 3  ? -0.399  -3.645  -7.735  1.00 32.20  ? 3   C   B "C1'" 1 
ATOM   260 N N1    . C   B 1 3  ? -0.497  -2.962  -6.426  1.00 35.01  ? 3   C   B N1    1 
ATOM   261 C C2    . C   B 1 3  ? -1.069  -1.690  -6.380  1.00 29.69  ? 3   C   B C2    1 
ATOM   262 O O2    . C   B 1 3  ? -1.464  -1.178  -7.444  1.00 37.45  ? 3   C   B O2    1 
ATOM   263 N N3    . C   B 1 3  ? -1.180  -1.070  -5.182  1.00 28.88  ? 3   C   B N3    1 
ATOM   264 C C4    . C   B 1 3  ? -0.737  -1.649  -4.065  1.00 31.97  ? 3   C   B C4    1 
ATOM   265 N N4    . C   B 1 3  ? -0.874  -0.990  -2.900  1.00 32.28  ? 3   C   B N4    1 
ATOM   266 C C5    . C   B 1 3  ? -0.136  -2.946  -4.098  1.00 32.57  ? 3   C   B C5    1 
ATOM   267 C C6    . C   B 1 3  ? -0.040  -3.564  -5.285  1.00 30.11  ? 3   C   B C6    1 
ATOM   268 P P     . U   B 1 4  ? 4.306   -3.764  -8.914  1.00 41.70  ? 4   U   B P     1 
ATOM   269 O OP1   . U   B 1 4  ? 5.114   -4.369  -9.997  1.00 37.49  ? 4   U   B OP1   1 
ATOM   270 O OP2   . U   B 1 4  ? 4.695   -3.932  -7.493  1.00 38.08  ? 4   U   B OP2   1 
ATOM   271 O "O5'" . U   B 1 4  ? 4.106   -2.207  -9.188  1.00 35.38  ? 4   U   B "O5'" 1 
ATOM   272 C "C5'" . U   B 1 4  ? 3.755   -1.739  -10.476 1.00 33.24  ? 4   U   B "C5'" 1 
ATOM   273 C "C4'" . U   B 1 4  ? 3.489   -0.257  -10.475 1.00 37.95  ? 4   U   B "C4'" 1 
ATOM   274 O "O4'" . U   B 1 4  ? 2.273   0.034   -9.751  1.00 35.95  ? 4   U   B "O4'" 1 
ATOM   275 C "C3'" . U   B 1 4  ? 4.531   0.624   -9.804  1.00 38.87  ? 4   U   B "C3'" 1 
ATOM   276 O "O3'" . U   B 1 4  ? 5.638   0.887   -10.647 1.00 43.15  ? 4   U   B "O3'" 1 
ATOM   277 C "C2'" . U   B 1 4  ? 3.741   1.876   -9.466  1.00 41.44  ? 4   U   B "C2'" 1 
ATOM   278 O "O2'" . U   B 1 4  ? 3.588   2.708   -10.608 1.00 36.66  ? 4   U   B "O2'" 1 
ATOM   279 C "C1'" . U   B 1 4  ? 2.377   1.284   -9.109  1.00 38.29  ? 4   U   B "C1'" 1 
ATOM   280 N N1    . U   B 1 4  ? 2.231   1.060   -7.661  1.00 37.86  ? 4   U   B N1    1 
ATOM   281 C C2    . U   B 1 4  ? 1.873   2.130   -6.867  1.00 36.76  ? 4   U   B C2    1 
ATOM   282 O O2    . U   B 1 4  ? 1.703   3.254   -7.303  1.00 40.89  ? 4   U   B O2    1 
ATOM   283 N N3    . U   B 1 4  ? 1.718   1.835   -5.542  1.00 30.39  ? 4   U   B N3    1 
ATOM   284 C C4    . U   B 1 4  ? 1.903   0.600   -4.952  1.00 32.33  ? 4   U   B C4    1 
ATOM   285 O O4    . U   B 1 4  ? 1.732   0.475   -3.738  1.00 34.33  ? 4   U   B O4    1 
ATOM   286 C C5    . U   B 1 4  ? 2.266   -0.455  -5.848  1.00 34.92  ? 4   U   B C5    1 
ATOM   287 C C6    . U   B 1 4  ? 2.411   -0.197  -7.145  1.00 34.12  ? 4   U   B C6    1 
HETATM 288 P P     . LCG B 1 5  ? 7.115   0.425   -10.236 1.00 38.31  ? 5   LCG B P     1 
HETATM 289 O OP1   . LCG B 1 5  ? 7.934   0.342   -11.695 1.00 43.44  ? 5   LCG B OP1   1 
HETATM 290 O "O5'" . LCG B 1 5  ? 7.652   1.575   -9.251  1.00 41.63  ? 5   LCG B "O5'" 1 
HETATM 291 C "C5'" . LCG B 1 5  ? 7.916   2.761   -9.945  1.00 36.84  ? 5   LCG B "C5'" 1 
HETATM 292 C "C3'" . LCG B 1 5  ? 8.146   4.090   -7.628  1.00 35.82  ? 5   LCG B "C3'" 1 
HETATM 293 C "C6'" . LCG B 1 5  ? 7.598   5.360   -9.559  1.00 36.12  ? 5   LCG B "C6'" 1 
HETATM 294 N N9    . LCG B 1 5  ? 5.481   3.836   -6.483  1.00 34.36  ? 5   LCG B N9    1 
HETATM 295 C C8    . LCG B 1 5  ? 5.657   2.516   -6.273  1.00 33.51  ? 5   LCG B C8    1 
HETATM 296 C C4    . LCG B 1 5  ? 4.874   4.349   -5.414  1.00 32.34  ? 5   LCG B C4    1 
HETATM 297 N N7    . LCG B 1 5  ? 5.168   2.193   -5.075  1.00 31.15  ? 5   LCG B N7    1 
HETATM 298 C C5    . LCG B 1 5  ? 4.675   3.314   -4.512  1.00 32.52  ? 5   LCG B C5    1 
HETATM 299 C C6    . LCG B 1 5  ? 4.047   3.604   -3.207  1.00 28.79  ? 5   LCG B C6    1 
HETATM 300 C "C2'" . LCG B 1 5  ? 7.176   5.299   -7.368  1.00 33.63  ? 5   LCG B "C2'" 1 
HETATM 301 O O6    . LCG B 1 5  ? 3.866   2.688   -2.354  1.00 29.22  ? 5   LCG B O6    1 
HETATM 302 C "C4'" . LCG B 1 5  ? 7.445   3.880   -9.069  1.00 35.71  ? 5   LCG B "C4'" 1 
HETATM 303 C "C1'" . LCG B 1 5  ? 5.870   4.643   -7.651  1.00 32.97  ? 5   LCG B "C1'" 1 
HETATM 304 C C2    . LCG B 1 5  ? 3.844   5.956   -3.861  1.00 28.02  ? 5   LCG B C2    1 
HETATM 305 N N1    . LCG B 1 5  ? 3.647   4.925   -2.927  1.00 27.64  ? 5   LCG B N1    1 
HETATM 306 O "O4'" . LCG B 1 5  ? 6.136   3.766   -8.741  1.00 40.26  ? 5   LCG B "O4'" 1 
HETATM 307 O OP2   . LCG B 1 5  ? 7.126   -1.013  -9.352  1.00 39.90  ? 5   LCG B OP2   1 
HETATM 308 N N2    . LCG B 1 5  ? 3.443   7.308   -3.542  1.00 32.11  ? 5   LCG B N2    1 
HETATM 309 N N3    . LCG B 1 5  ? 4.448   5.696   -5.118  1.00 32.70  ? 5   LCG B N3    1 
HETATM 310 O "O2'" . LCG B 1 5  ? 7.465   6.129   -8.416  1.00 36.81  ? 5   LCG B "O2'" 1 
HETATM 311 O "O3'" . LCG B 1 5  ? 9.492   4.449   -7.808  1.00 40.44  ? 5   LCG B "O3'" 1 
ATOM   312 P P     . C   B 1 6  ? 10.533  4.475   -6.590  1.00 39.47  ? 6   C   B P     1 
ATOM   313 O OP1   . C   B 1 6  ? 11.810  4.905   -7.203  1.00 47.01  ? 6   C   B OP1   1 
ATOM   314 O OP2   . C   B 1 6  ? 10.465  3.277   -5.711  1.00 38.60  ? 6   C   B OP2   1 
ATOM   315 O "O5'" . C   B 1 6  ? 9.983   5.628   -5.656  1.00 42.07  ? 6   C   B "O5'" 1 
ATOM   316 C "C5'" . C   B 1 6  ? 9.963   6.977   -6.076  1.00 34.86  ? 6   C   B "C5'" 1 
ATOM   317 C "C4'" . C   B 1 6  ? 9.287   7.806   -5.022  1.00 36.74  ? 6   C   B "C4'" 1 
ATOM   318 O "O4'" . C   B 1 6  ? 7.967   7.255   -4.738  1.00 34.76  ? 6   C   B "O4'" 1 
ATOM   319 C "C3'" . C   B 1 6  ? 9.956   7.807   -3.665  1.00 29.20  ? 6   C   B "C3'" 1 
ATOM   320 O "O3'" . C   B 1 6  ? 11.086  8.649   -3.584  1.00 31.41  ? 6   C   B "O3'" 1 
ATOM   321 C "C2'" . C   B 1 6  ? 8.824   8.244   -2.766  1.00 26.89  ? 6   C   B "C2'" 1 
ATOM   322 O "O2'" . C   B 1 6  ? 8.590   9.624   -2.973  1.00 31.28  ? 6   C   B "O2'" 1 
ATOM   323 C "C1'" . C   B 1 6  ? 7.657   7.472   -3.374  1.00 30.76  ? 6   C   B "C1'" 1 
ATOM   324 N N1    . C   B 1 6  ? 7.436   6.168   -2.697  1.00 30.63  ? 6   C   B N1    1 
ATOM   325 C C2    . C   B 1 6  ? 6.765   6.151   -1.470  1.00 31.74  ? 6   C   B C2    1 
ATOM   326 O O2    . C   B 1 6  ? 6.364   7.212   -0.980  1.00 31.71  ? 6   C   B O2    1 
ATOM   327 N N3    . C   B 1 6  ? 6.539   4.982   -0.829  1.00 31.22  ? 6   C   B N3    1 
ATOM   328 C C4    . C   B 1 6  ? 6.966   3.843   -1.346  1.00 32.48  ? 6   C   B C4    1 
ATOM   329 N N4    . C   B 1 6  ? 6.719   2.716   -0.660  1.00 36.80  ? 6   C   B N4    1 
ATOM   330 C C5    . C   B 1 6  ? 7.661   3.822   -2.582  1.00 29.56  ? 6   C   B C5    1 
ATOM   331 C C6    . C   B 1 6  ? 7.880   4.986   -3.222  1.00 32.48  ? 6   C   B C6    1 
ATOM   332 P P     . C   B 1 7  ? 12.292  8.275   -2.604  1.00 34.43  ? 7   C   B P     1 
ATOM   333 O OP1   . C   B 1 7  ? 13.289  9.377   -2.801  1.00 43.16  ? 7   C   B OP1   1 
ATOM   334 O OP2   . C   B 1 7  ? 12.681  6.864   -2.856  1.00 35.35  ? 7   C   B OP2   1 
ATOM   335 O "O5'" . C   B 1 7  ? 11.660  8.289   -1.131  1.00 33.82  ? 7   C   B "O5'" 1 
ATOM   336 C "C5'" . C   B 1 7  ? 11.545  9.488   -0.388  1.00 35.31  ? 7   C   B "C5'" 1 
ATOM   337 C "C4'" . C   B 1 7  ? 10.620  9.363   0.801   1.00 35.46  ? 7   C   B "C4'" 1 
ATOM   338 O "O4'" . C   B 1 7  ? 9.501   8.496   0.502   1.00 37.69  ? 7   C   B "O4'" 1 
ATOM   339 C "C3'" . C   B 1 7  ? 11.184  8.768   2.073   1.00 38.78  ? 7   C   B "C3'" 1 
ATOM   340 O "O3'" . C   B 1 7  ? 12.008  9.660   2.788   1.00 44.92  ? 7   C   B "O3'" 1 
ATOM   341 C "C2'" . C   B 1 7  ? 9.920   8.413   2.834   1.00 34.58  ? 7   C   B "C2'" 1 
ATOM   342 O "O2'" . C   B 1 7  ? 9.337   9.582   3.383   1.00 36.00  ? 7   C   B "O2'" 1 
ATOM   343 C "C1'" . C   B 1 7  ? 9.026   7.910   1.701   1.00 38.41  ? 7   C   B "C1'" 1 
ATOM   344 N N1    . C   B 1 7  ? 9.071   6.431   1.601   1.00 34.81  ? 7   C   B N1    1 
ATOM   345 C C2    . C   B 1 7  ? 8.419   5.691   2.598   1.00 38.58  ? 7   C   B C2    1 
ATOM   346 O O2    . C   B 1 7  ? 7.798   6.251   3.535   1.00 42.08  ? 7   C   B O2    1 
ATOM   347 N N3    . C   B 1 7  ? 8.476   4.351   2.531   1.00 35.69  ? 7   C   B N3    1 
ATOM   348 C C4    . C   B 1 7  ? 9.131   3.743   1.554   1.00 33.09  ? 7   C   B C4    1 
ATOM   349 N N4    . C   B 1 7  ? 9.129   2.409   1.577   1.00 36.54  ? 7   C   B N4    1 
ATOM   350 C C5    . C   B 1 7  ? 9.810   4.460   0.527   1.00 34.31  ? 7   C   B C5    1 
ATOM   351 C C6    . C   B 1 7  ? 9.761   5.795   0.601   1.00 36.12  ? 7   C   B C6    1 
ATOM   352 P P     . U   B 1 8  ? 13.224  9.098   3.671   1.00 42.78  ? 8   U   B P     1 
ATOM   353 O OP1   . U   B 1 8  ? 13.802  10.251  4.428   1.00 39.41  ? 8   U   B OP1   1 
ATOM   354 O OP2   . U   B 1 8  ? 14.047  8.242   2.784   1.00 34.24  ? 8   U   B OP2   1 
ATOM   355 O "O5'" . U   B 1 8  ? 12.539  8.129   4.731   1.00 43.93  ? 8   U   B "O5'" 1 
ATOM   356 C "C5'" . U   B 1 8  ? 11.733  8.629   5.786   1.00 36.43  ? 8   U   B "C5'" 1 
ATOM   357 C "C4'" . U   B 1 8  ? 11.091  7.494   6.549   1.00 34.61  ? 8   U   B "C4'" 1 
ATOM   358 O "O4'" . U   B 1 8  ? 10.371  6.638   5.631   1.00 43.56  ? 8   U   B "O4'" 1 
ATOM   359 C "C3'" . U   B 1 8  ? 12.030  6.544   7.268   1.00 39.22  ? 8   U   B "C3'" 1 
ATOM   360 O "O3'" . U   B 1 8  ? 12.452  7.062   8.511   1.00 40.45  ? 8   U   B "O3'" 1 
ATOM   361 C "C2'" . U   B 1 8  ? 11.179  5.290   7.409   1.00 46.35  ? 8   U   B "C2'" 1 
ATOM   362 O "O2'" . U   B 1 8  ? 10.246  5.467   8.466   1.00 51.13  ? 8   U   B "O2'" 1 
ATOM   363 C "C1'" . U   B 1 8  ? 10.406  5.302   6.090   1.00 43.58  ? 8   U   B "C1'" 1 
ATOM   364 N N1    . U   B 1 8  ? 11.023  4.459   5.038   1.00 41.25  ? 8   U   B N1    1 
ATOM   365 C C2    . U   B 1 8  ? 10.860  3.086   5.114   1.00 37.84  ? 8   U   B C2    1 
ATOM   366 O O2    . U   B 1 8  ? 10.237  2.519   6.002   1.00 40.24  ? 8   U   B O2    1 
ATOM   367 N N3    . U   B 1 8  ? 11.464  2.398   4.089   1.00 37.39  ? 8   U   B N3    1 
ATOM   368 C C4    . U   B 1 8  ? 12.181  2.923   3.027   1.00 45.41  ? 8   U   B C4    1 
ATOM   369 O O4    . U   B 1 8  ? 12.666  2.160   2.182   1.00 54.16  ? 8   U   B O4    1 
ATOM   370 C C5    . U   B 1 8  ? 12.297  4.350   3.023   1.00 35.30  ? 8   U   B C5    1 
ATOM   371 C C6    . U   B 1 8  ? 11.727  5.039   4.007   1.00 35.86  ? 8   U   B C6    1 
ATOM   372 P P     A G   B 1 9  ? 13.826  6.559   9.163   0.50 42.72  ? 9   G   B P     1 
ATOM   373 P P     B G   B 1 9  ? 13.736  6.465   9.255   0.50 42.69  ? 9   G   B P     1 
ATOM   374 O OP1   A G   B 1 9  ? 14.306  7.626   10.081  0.50 41.18  ? 9   G   B OP1   1 
ATOM   375 O OP1   B G   B 1 9  ? 14.270  7.543   10.130  0.50 41.19  ? 9   G   B OP1   1 
ATOM   376 O OP2   A G   B 1 9  ? 14.708  6.021   8.095   0.50 39.75  ? 9   G   B OP2   1 
ATOM   377 O OP2   B G   B 1 9  ? 14.610  5.801   8.250   0.50 39.68  ? 9   G   B OP2   1 
ATOM   378 O "O5'" A G   B 1 9  ? 13.380  5.322   10.050  0.50 44.10  ? 9   G   B "O5'" 1 
ATOM   379 O "O5'" B G   B 1 9  ? 13.131  5.320   10.176  0.50 44.40  ? 9   G   B "O5'" 1 
ATOM   380 C "C5'" A G   B 1 9  ? 12.514  5.500   11.158  0.50 45.47  ? 9   G   B "C5'" 1 
ATOM   381 C "C5'" B G   B 1 9  ? 12.030  5.564   11.049  0.50 43.67  ? 9   G   B "C5'" 1 
ATOM   382 C "C4'" A G   B 1 9  ? 12.495  4.265   12.023  0.50 43.94  ? 9   G   B "C4'" 1 
ATOM   383 C "C4'" B G   B 1 9  ? 11.786  4.385   11.962  0.50 41.81  ? 9   G   B "C4'" 1 
ATOM   384 O "O4'" A G   B 1 9  ? 11.600  3.289   11.430  0.50 40.89  ? 9   G   B "O4'" 1 
ATOM   385 O "O4'" B G   B 1 9  ? 11.425  3.232   11.152  0.50 41.10  ? 9   G   B "O4'" 1 
ATOM   386 C "C3'" A G   B 1 9  ? 13.823  3.527   12.155  0.50 42.61  ? 9   G   B "C3'" 1 
ATOM   387 C "C3'" B G   B 1 9  ? 12.992  3.946   12.797  0.50 42.00  ? 9   G   B "C3'" 1 
ATOM   388 O "O3'" A G   B 1 9  ? 14.709  4.090   13.118  0.50 42.47  ? 9   G   B "O3'" 1 
ATOM   389 O "O3'" B G   B 1 9  ? 12.534  3.346   14.006  0.50 44.54  ? 9   G   B "O3'" 1 
ATOM   390 C "C2'" A G   B 1 9  ? 13.374  2.106   12.477  0.50 41.17  ? 9   G   B "C2'" 1 
ATOM   391 C "C2'" B G   B 1 9  ? 13.608  2.863   11.925  0.50 42.94  ? 9   G   B "C2'" 1 
ATOM   392 O "O2'" A G   B 1 9  ? 12.988  2.000   13.836  0.50 41.57  ? 9   G   B "O2'" 1 
ATOM   393 O "O2'" B G   B 1 9  ? 14.448  1.954   12.599  0.50 40.76  ? 9   G   B "O2'" 1 
ATOM   394 C "C1'" A G   B 1 9  ? 12.119  1.988   11.613  0.50 43.20  ? 9   G   B "C1'" 1 
ATOM   395 C "C1'" B G   B 1 9  ? 12.356  2.188   11.372  0.50 43.34  ? 9   G   B "C1'" 1 
ATOM   396 N N9    A G   B 1 9  ? 12.435  1.408   10.291  0.50 41.25  ? 9   G   B N9    1 
ATOM   397 N N9    B G   B 1 9  ? 12.584  1.477   10.111  0.50 41.13  ? 9   G   B N9    1 
ATOM   398 C C8    A G   B 1 9  ? 12.868  2.055   9.156   0.50 40.85  ? 9   G   B C8    1 
ATOM   399 C C8    B G   B 1 9  ? 12.990  2.038   8.923   0.50 40.83  ? 9   G   B C8    1 
ATOM   400 N N7    A G   B 1 9  ? 13.088  1.244   8.157   0.50 39.04  ? 9   G   B N7    1 
ATOM   401 N N7    B G   B 1 9  ? 13.133  1.162   7.969   0.50 38.89  ? 9   G   B N7    1 
ATOM   402 C C5    A G   B 1 9  ? 12.791  -0.011  8.669   0.50 36.99  ? 9   G   B C5    1 
ATOM   403 C C5    B G   B 1 9  ? 12.804  -0.047  8.564   0.50 37.22  ? 9   G   B C5    1 
ATOM   404 C C6    A G   B 1 9  ? 12.843  -1.282  8.055   0.50 36.74  ? 9   G   B C6    1 
ATOM   405 C C6    B G   B 1 9  ? 12.783  -1.342  8.007   0.50 36.60  ? 9   G   B C6    1 
ATOM   406 O O6    A G   B 1 9  ? 13.175  -1.559  6.897   0.50 35.31  ? 9   G   B O6    1 
ATOM   407 O O6    B G   B 1 9  ? 13.058  -1.678  6.849   0.50 35.55  ? 9   G   B O6    1 
ATOM   408 N N1    A G   B 1 9  ? 12.457  -2.281  8.942   0.50 37.34  ? 9   G   B N1    1 
ATOM   409 N N1    B G   B 1 9  ? 12.396  -2.285  8.949   0.50 37.35  ? 9   G   B N1    1 
ATOM   410 C C2    A G   B 1 9  ? 12.068  -2.090  10.244  0.50 37.62  ? 9   G   B C2    1 
ATOM   411 C C2    B G   B 1 9  ? 12.069  -2.022  10.253  0.50 37.74  ? 9   G   B C2    1 
ATOM   412 N N2    A G   B 1 9  ? 11.735  -3.192  10.929  0.50 35.69  ? 9   G   B N2    1 
ATOM   413 N N2    B G   B 1 9  ? 11.722  -3.087  10.990  0.50 35.68  ? 9   G   B N2    1 
ATOM   414 N N3    A G   B 1 9  ? 12.019  -0.908  10.829  0.50 38.69  ? 9   G   B N3    1 
ATOM   415 N N3    B G   B 1 9  ? 12.088  -0.812  10.789  0.50 38.68  ? 9   G   B N3    1 
ATOM   416 C C4    A G   B 1 9  ? 12.392  0.073   9.985   0.50 39.90  ? 9   G   B C4    1 
ATOM   417 C C4    B G   B 1 9  ? 12.463  0.123   9.889   0.50 39.89  ? 9   G   B C4    1 
ATOM   418 P P     A C   B 1 10 ? 16.307  4.121   12.859  0.50 45.52  ? 10  C   B P     1 
ATOM   419 P P     B C   B 1 10 ? 12.186  4.241   15.293  0.50 44.41  ? 10  C   B P     1 
ATOM   420 O OP1   A C   B 1 10 ? 16.654  3.472   11.567  0.50 41.29  ? 10  C   B OP1   1 
ATOM   421 O OP1   B C   B 1 10 ? 13.385  5.053   15.591  0.50 37.55  ? 10  C   B OP1   1 
ATOM   422 O OP2   A C   B 1 10 ? 16.987  3.646   14.080  0.50 47.42  ? 10  C   B OP2   1 
ATOM   423 O OP2   B C   B 1 10 ? 11.664  3.287   16.292  0.50 42.26  ? 10  C   B OP2   1 
HETATM 424 S S     . SO4 C 2 .  ? -10.144 0.733   -1.171  1.00 104.08 ? 101 SO4 A S     1 
HETATM 425 O O1    . SO4 C 2 .  ? -10.735 1.311   -2.382  1.00 85.45  ? 101 SO4 A O1    1 
HETATM 426 O O2    . SO4 C 2 .  ? -10.682 -0.625  -0.979  1.00 52.55  ? 101 SO4 A O2    1 
HETATM 427 O O3    . SO4 C 2 .  ? -10.502 1.568   -0.009  1.00 87.55  ? 101 SO4 A O3    1 
HETATM 428 O O4    . SO4 C 2 .  ? -8.678  0.687   -1.339  1.00 62.03  ? 101 SO4 A O4    1 
HETATM 429 S S     . SO4 D 2 .  ? 0.414   0.839   2.417   1.00 92.87  ? 102 SO4 A S     1 
HETATM 430 O O1    . SO4 D 2 .  ? -0.373  1.402   1.288   1.00 48.17  ? 102 SO4 A O1    1 
HETATM 431 O O2    . SO4 D 2 .  ? -0.033  -0.544  2.627   1.00 88.52  ? 102 SO4 A O2    1 
HETATM 432 O O3    . SO4 D 2 .  ? 0.220   1.608   3.661   1.00 57.40  ? 102 SO4 A O3    1 
HETATM 433 O O4    . SO4 D 2 .  ? 1.855   0.799   2.117   1.00 60.67  ? 102 SO4 A O4    1 
HETATM 434 O O     . HOH E 3 .  ? -15.484 -7.744  -0.178  1.00 34.93  ? 201 HOH A O     1 
HETATM 435 O O     A HOH E 3 .  ? -0.772  -2.069  1.103   0.30 35.55  ? 202 HOH A O     1 
HETATM 436 O O     B HOH E 3 .  ? -0.266  -1.685  0.235   0.70 37.50  ? 202 HOH A O     1 
HETATM 437 O O     . HOH E 3 .  ? -5.942  11.370  -4.089  1.00 49.23  ? 203 HOH A O     1 
HETATM 438 O O     . HOH E 3 .  ? -7.737  -8.165  -6.914  1.00 39.34  ? 204 HOH A O     1 
HETATM 439 O O     . HOH E 3 .  ? -1.018  1.062   -9.919  1.00 44.29  ? 205 HOH A O     1 
HETATM 440 O O     . HOH E 3 .  ? -7.405  -9.906  -0.730  1.00 37.61  ? 206 HOH A O     1 
HETATM 441 O O     . HOH E 3 .  ? -11.302 -7.644  11.399  1.00 47.55  ? 207 HOH A O     1 
HETATM 442 O O     . HOH E 3 .  ? -4.265  1.346   -11.095 1.00 34.35  ? 208 HOH A O     1 
HETATM 443 O O     . HOH E 3 .  ? 5.182   0.060   1.991   1.00 39.21  ? 209 HOH A O     1 
HETATM 444 O O     . HOH E 3 .  ? 3.691   -0.061  4.354   1.00 43.53  ? 210 HOH A O     1 
HETATM 445 O O     . HOH E 3 .  ? -8.706  9.369   -6.979  1.00 43.35  ? 211 HOH A O     1 
HETATM 446 O O     . HOH E 3 .  ? -4.433  5.929   -1.611  1.00 39.62  ? 212 HOH A O     1 
HETATM 447 O O     . HOH E 3 .  ? -0.602  3.442   -10.628 1.00 42.24  ? 213 HOH A O     1 
HETATM 448 O O     . HOH E 3 .  ? -16.186 -2.144  1.134   1.00 44.78  ? 214 HOH A O     1 
HETATM 449 O O     . HOH F 3 .  ? 3.113   -10.000 -7.589  1.00 33.18  ? 101 HOH B O     1 
HETATM 450 O O     . HOH F 3 .  ? 6.968   8.534   5.069   1.00 42.49  ? 102 HOH B O     1 
HETATM 451 O O     . HOH F 3 .  ? -3.309  -0.426  -9.570  1.00 30.05  ? 103 HOH B O     1 
HETATM 452 O O     . HOH F 3 .  ? -0.020  5.179   -8.686  1.00 37.94  ? 104 HOH B O     1 
HETATM 453 O O     . HOH F 3 .  ? 9.953   0.639   -1.891  1.00 44.01  ? 105 HOH B O     1 
HETATM 454 O O     . HOH F 3 .  ? 7.810   0.732   -2.379  1.00 47.97  ? 106 HOH B O     1 
HETATM 455 O O     . HOH F 3 .  ? 11.707  4.547   -2.099  1.00 40.86  ? 107 HOH B O     1 
HETATM 456 O O     . HOH F 3 .  ? -5.027  -9.810  -3.872  1.00 39.90  ? 108 HOH B O     1 
# 
